data_7VKA
#
_entry.id   7VKA
#
_cell.length_a   205.871
_cell.length_b   205.871
_cell.length_c   65.665
_cell.angle_alpha   90.000
_cell.angle_beta   90.000
_cell.angle_gamma   120.000
#
_symmetry.space_group_name_H-M   'P 64'
#
loop_
_entity.id
_entity.type
_entity.pdbx_description
1 polymer 'Indole-3-acetic acid-amido synthetase GH3.6'
2 non-polymer 'ADENOSINE MONOPHOSPHATE'
3 non-polymer N-[4-[(6-chloranylpyridazin-3-yl)amino]phenyl]-3-(trifluoromethyl)benzamide
4 non-polymer GLYCEROL
5 water water
#
_entity_poly.entity_id   1
_entity_poly.type   'polypeptide(L)'
_entity_poly.pdbx_seq_one_letter_code
;SMPEAPKIAALEVSDESLAEKNKNKLQFIEDVTTNADDVQRRVLEEILSRNADVEYLKRHGLEGRTDRETFKHIMPVVTY
EDIQPEINRIANGDKSQVLCSNPISEFLTSSGTSGGERKLMPTIEEELDRRSLLYSLLMPVMDQFVPGLDKGKGMYFLFI
KSESKTPGGLPARPVLTSYYKSSHFKNRPYDPYTNYTSPNQTILCSDSYQSMYSQMLCGLCQHKEVLRVGAVFASGFIRA
IKFLEKHWPELARDIRTGTLSSEITDSSVREAVGEILKPDPKLADFVESECRKTSWQGIITRLWPNTKYVDVIVTGTMSQ
YIPTLDYYSNGLPLVCTMYASSECYFGVNLRPLCKPSEVSYTLIPNMAYFEFLPVHRNSGVTSSISLPKALTEKEQQELV
DLVDVKLGQEYELVVTTYAGLYRYRVGDVLSVAGFKNNAPQFSFICRKNVVLSIDSDKTDEVELQNAVKNAVTHLVPFDA
SLSEYTSYADTSSIPGHYVLFWELCLNGNTPIPPSVFEDCCLTIEESLNSVYRQGRVSDKSIGPLEIKMVESGTFDKLMD
YAISLGASINQYKTPRCVKFAPIIELLNSRVVDSYFSPKCPKWSPGHKQWGSN
;
_entity_poly.pdbx_strand_id   A,B
#
# COMPACT_ATOMS: atom_id res chain seq x y z
N SER A 14 -38.83 -7.15 -45.50
CA SER A 14 -38.27 -7.57 -44.22
C SER A 14 -36.89 -8.21 -44.40
N ASP A 15 -36.73 -9.06 -45.42
CA ASP A 15 -35.38 -9.46 -45.84
C ASP A 15 -34.52 -8.22 -46.11
N GLU A 16 -35.12 -7.21 -46.75
CA GLU A 16 -34.40 -5.97 -47.01
C GLU A 16 -34.15 -5.18 -45.73
N SER A 17 -35.20 -4.98 -44.92
CA SER A 17 -35.00 -4.25 -43.67
C SER A 17 -34.13 -5.00 -42.69
N LEU A 18 -33.85 -6.27 -42.96
CA LEU A 18 -32.79 -6.94 -42.20
C LEU A 18 -31.44 -6.44 -42.65
N ALA A 19 -31.22 -6.33 -43.96
CA ALA A 19 -29.94 -5.83 -44.46
C ALA A 19 -29.71 -4.39 -44.04
N GLU A 20 -30.74 -3.54 -44.21
CA GLU A 20 -30.65 -2.15 -43.75
C GLU A 20 -30.21 -2.08 -42.30
N LYS A 21 -30.81 -2.92 -41.45
CA LYS A 21 -30.49 -2.91 -40.03
C LYS A 21 -29.03 -3.27 -39.80
N ASN A 22 -28.54 -4.30 -40.49
CA ASN A 22 -27.15 -4.73 -40.34
C ASN A 22 -26.18 -3.65 -40.79
N LYS A 23 -26.50 -2.99 -41.92
CA LYS A 23 -25.69 -1.88 -42.39
C LYS A 23 -25.62 -0.76 -41.35
N ASN A 24 -26.73 -0.50 -40.65
CA ASN A 24 -26.73 0.61 -39.68
C ASN A 24 -25.90 0.28 -38.47
N LYS A 25 -26.11 -0.90 -37.87
CA LYS A 25 -25.31 -1.33 -36.72
C LYS A 25 -23.81 -1.29 -37.02
N LEU A 26 -23.43 -1.69 -38.25
CA LEU A 26 -22.04 -1.60 -38.68
C LEU A 26 -21.58 -0.16 -38.79
N GLN A 27 -22.43 0.72 -39.35
CA GLN A 27 -22.07 2.14 -39.46
C GLN A 27 -21.92 2.78 -38.08
N PHE A 28 -22.69 2.28 -37.10
CA PHE A 28 -22.53 2.71 -35.72
C PHE A 28 -21.14 2.35 -35.20
N ILE A 29 -20.72 1.10 -35.41
CA ILE A 29 -19.36 0.70 -35.08
C ILE A 29 -18.34 1.69 -35.68
N GLU A 30 -18.48 2.00 -36.98
CA GLU A 30 -17.53 2.91 -37.63
C GLU A 30 -17.55 4.29 -36.99
N ASP A 31 -18.74 4.83 -36.70
CA ASP A 31 -18.84 6.17 -36.10
C ASP A 31 -18.30 6.20 -34.68
N VAL A 32 -18.62 5.20 -33.85
CA VAL A 32 -18.19 5.26 -32.46
C VAL A 32 -16.71 4.94 -32.34
N THR A 33 -16.19 4.00 -33.13
CA THR A 33 -14.75 3.75 -33.07
C THR A 33 -13.96 4.91 -33.69
N THR A 34 -14.52 5.58 -34.70
CA THR A 34 -13.83 6.74 -35.27
C THR A 34 -13.89 7.92 -34.32
N ASN A 35 -15.03 8.11 -33.65
CA ASN A 35 -15.22 9.25 -32.76
C ASN A 35 -15.05 8.89 -31.29
N ALA A 36 -14.12 7.98 -30.95
CA ALA A 36 -14.17 7.33 -29.62
C ALA A 36 -13.91 8.31 -28.48
N ASP A 37 -12.91 9.19 -28.60
CA ASP A 37 -12.66 10.15 -27.53
C ASP A 37 -13.82 11.15 -27.36
N ASP A 38 -14.37 11.66 -28.47
CA ASP A 38 -15.56 12.51 -28.36
C ASP A 38 -16.68 11.80 -27.63
N VAL A 39 -16.83 10.50 -27.87
CA VAL A 39 -17.87 9.74 -27.18
C VAL A 39 -17.52 9.57 -25.71
N GLN A 40 -16.29 9.15 -25.43
CA GLN A 40 -15.86 8.99 -24.05
C GLN A 40 -16.01 10.30 -23.28
N ARG A 41 -15.64 11.43 -23.90
CA ARG A 41 -15.85 12.70 -23.22
C ARG A 41 -17.34 12.96 -23.00
N ARG A 42 -18.16 12.68 -24.02
CA ARG A 42 -19.60 12.92 -23.91
C ARG A 42 -20.25 12.05 -22.84
N VAL A 43 -19.79 10.79 -22.70
CA VAL A 43 -20.36 9.90 -21.70
C VAL A 43 -20.02 10.41 -20.29
N LEU A 44 -18.75 10.73 -20.06
CA LEU A 44 -18.34 11.22 -18.75
C LEU A 44 -19.09 12.48 -18.40
N GLU A 45 -19.20 13.40 -19.35
CA GLU A 45 -19.88 14.67 -19.12
C GLU A 45 -21.35 14.47 -18.77
N GLU A 46 -21.96 13.39 -19.25
CA GLU A 46 -23.33 13.08 -18.88
C GLU A 46 -23.43 12.47 -17.49
N ILE A 47 -22.46 11.62 -17.13
CA ILE A 47 -22.50 10.95 -15.84
C ILE A 47 -22.28 11.95 -14.70
N LEU A 48 -21.35 12.88 -14.87
CA LEU A 48 -21.09 13.85 -13.80
C LEU A 48 -22.09 15.01 -13.82
N SER A 49 -22.68 15.32 -14.97
CA SER A 49 -23.78 16.27 -14.99
C SER A 49 -25.01 15.69 -14.31
N ARG A 50 -25.45 14.50 -14.77
CA ARG A 50 -26.63 13.86 -14.20
C ARG A 50 -26.47 13.56 -12.71
N ASN A 51 -25.25 13.26 -12.26
CA ASN A 51 -25.01 12.84 -10.88
C ASN A 51 -24.28 13.89 -10.06
N ALA A 52 -24.38 15.18 -10.42
CA ALA A 52 -23.50 16.18 -9.80
C ALA A 52 -23.80 16.36 -8.32
N ASP A 53 -25.06 16.26 -7.91
CA ASP A 53 -25.41 16.46 -6.51
C ASP A 53 -25.32 15.18 -5.67
N VAL A 54 -24.89 14.05 -6.25
CA VAL A 54 -24.83 12.82 -5.46
C VAL A 54 -23.81 12.99 -4.33
N GLU A 55 -24.05 12.22 -3.28
CA GLU A 55 -23.26 12.34 -2.05
C GLU A 55 -21.78 12.03 -2.29
N TYR A 56 -21.48 10.94 -3.00
CA TYR A 56 -20.09 10.52 -3.20
C TYR A 56 -19.26 11.56 -3.93
N LEU A 57 -19.79 12.10 -5.04
CA LEU A 57 -19.07 13.12 -5.78
C LEU A 57 -18.95 14.43 -4.98
N LYS A 58 -20.04 14.87 -4.36
CA LYS A 58 -19.99 16.14 -3.64
C LYS A 58 -18.96 16.09 -2.53
N ARG A 59 -18.92 14.96 -1.82
CA ARG A 59 -17.99 14.74 -0.72
C ARG A 59 -16.53 14.82 -1.15
N HIS A 60 -16.23 14.47 -2.40
CA HIS A 60 -14.88 14.56 -2.93
C HIS A 60 -14.59 15.91 -3.60
N GLY A 61 -15.44 16.91 -3.37
CA GLY A 61 -15.16 18.26 -3.83
C GLY A 61 -15.30 18.49 -5.32
N LEU A 62 -16.06 17.65 -6.03
CA LEU A 62 -16.22 17.86 -7.47
C LEU A 62 -16.97 19.14 -7.78
N GLU A 63 -17.83 19.59 -6.87
CA GLU A 63 -18.54 20.86 -7.01
C GLU A 63 -19.32 20.92 -8.33
N GLY A 64 -19.84 19.79 -8.78
CA GLY A 64 -20.63 19.79 -10.00
C GLY A 64 -19.87 20.05 -11.28
N ARG A 65 -18.54 20.07 -11.22
CA ARG A 65 -17.73 20.17 -12.43
C ARG A 65 -17.82 18.87 -13.22
N THR A 66 -17.78 18.99 -14.56
CA THR A 66 -18.01 17.86 -15.46
C THR A 66 -16.87 17.63 -16.43
N ASP A 67 -15.76 18.36 -16.32
CA ASP A 67 -14.67 18.24 -17.29
C ASP A 67 -13.74 17.09 -16.90
N ARG A 68 -13.31 16.35 -17.92
CA ARG A 68 -12.43 15.20 -17.73
C ARG A 68 -11.19 15.55 -16.92
N GLU A 69 -10.69 16.78 -17.04
CA GLU A 69 -9.43 17.16 -16.42
C GLU A 69 -9.60 17.30 -14.91
N THR A 70 -10.69 17.95 -14.48
CA THR A 70 -10.99 18.04 -13.07
C THR A 70 -11.30 16.66 -12.51
N PHE A 71 -12.06 15.86 -13.27
CA PHE A 71 -12.50 14.56 -12.79
C PHE A 71 -11.31 13.65 -12.51
N LYS A 72 -10.34 13.60 -13.43
CA LYS A 72 -9.16 12.78 -13.19
C LYS A 72 -8.31 13.35 -12.06
N HIS A 73 -8.27 14.67 -11.95
CA HIS A 73 -7.43 15.30 -10.94
C HIS A 73 -8.05 15.20 -9.55
N ILE A 74 -9.37 15.12 -9.46
CA ILE A 74 -10.07 15.22 -8.17
C ILE A 74 -10.51 13.86 -7.65
N MET A 75 -11.03 12.99 -8.51
CA MET A 75 -11.60 11.78 -7.93
C MET A 75 -10.55 10.70 -7.73
N PRO A 76 -10.66 9.96 -6.63
CA PRO A 76 -9.72 8.88 -6.36
C PRO A 76 -10.05 7.62 -7.15
N VAL A 77 -8.99 6.91 -7.53
CA VAL A 77 -9.12 5.63 -8.20
C VAL A 77 -9.31 4.55 -7.14
N VAL A 78 -10.41 3.80 -7.23
CA VAL A 78 -10.89 3.00 -6.11
C VAL A 78 -10.97 1.53 -6.46
N THR A 79 -10.77 0.70 -5.43
CA THR A 79 -11.16 -0.70 -5.45
C THR A 79 -12.56 -0.85 -4.88
N TYR A 80 -13.11 -2.06 -5.05
CA TYR A 80 -14.42 -2.36 -4.50
C TYR A 80 -14.43 -2.12 -2.99
N GLU A 81 -13.37 -2.53 -2.31
CA GLU A 81 -13.34 -2.40 -0.87
C GLU A 81 -13.32 -0.93 -0.47
N ASP A 82 -12.82 -0.05 -1.34
CA ASP A 82 -12.83 1.37 -1.03
C ASP A 82 -14.25 1.90 -0.94
N ILE A 83 -15.15 1.40 -1.78
CA ILE A 83 -16.48 1.95 -1.90
C ILE A 83 -17.54 1.06 -1.24
N GLN A 84 -17.11 -0.02 -0.59
CA GLN A 84 -18.04 -0.90 0.12
C GLN A 84 -18.96 -0.17 1.09
N PRO A 85 -18.48 0.81 1.94
CA PRO A 85 -19.39 1.59 2.78
C PRO A 85 -20.60 2.07 2.01
N GLU A 86 -20.35 2.79 0.91
CA GLU A 86 -21.44 3.30 0.07
C GLU A 86 -22.34 2.17 -0.41
N ILE A 87 -21.75 1.14 -1.03
CA ILE A 87 -22.54 0.03 -1.54
C ILE A 87 -23.35 -0.65 -0.43
N ASN A 88 -22.73 -0.89 0.72
CA ASN A 88 -23.46 -1.61 1.77
C ASN A 88 -24.60 -0.78 2.33
N ARG A 89 -24.41 0.53 2.50
CA ARG A 89 -25.53 1.39 2.89
C ARG A 89 -26.67 1.28 1.90
N ILE A 90 -26.36 1.23 0.60
CA ILE A 90 -27.41 1.14 -0.42
C ILE A 90 -28.08 -0.23 -0.36
N ALA A 91 -27.30 -1.28 -0.16
CA ALA A 91 -27.88 -2.60 -0.03
C ALA A 91 -28.57 -2.82 1.31
N ASN A 92 -28.42 -1.90 2.26
CA ASN A 92 -29.18 -1.96 3.50
C ASN A 92 -30.40 -1.04 3.46
N GLY A 93 -30.70 -0.45 2.32
CA GLY A 93 -31.93 0.31 2.14
C GLY A 93 -31.81 1.82 2.14
N ASP A 94 -30.59 2.36 2.18
CA ASP A 94 -30.42 3.80 2.03
C ASP A 94 -30.85 4.18 0.63
N LYS A 95 -31.99 4.85 0.51
CA LYS A 95 -32.53 5.19 -0.79
C LYS A 95 -32.22 6.64 -1.19
N SER A 96 -31.38 7.34 -0.42
CA SER A 96 -30.91 8.65 -0.83
C SER A 96 -29.96 8.50 -2.03
N GLN A 97 -29.56 9.64 -2.59
CA GLN A 97 -28.68 9.71 -3.77
C GLN A 97 -27.25 9.59 -3.28
N VAL A 98 -26.86 8.35 -3.01
CA VAL A 98 -25.56 8.07 -2.40
C VAL A 98 -24.46 8.11 -3.46
N LEU A 99 -24.59 7.25 -4.47
CA LEU A 99 -23.66 7.13 -5.58
C LEU A 99 -24.27 7.52 -6.92
N CYS A 100 -25.59 7.71 -6.97
CA CYS A 100 -26.30 7.84 -8.24
C CYS A 100 -27.53 8.72 -8.04
N SER A 101 -27.85 9.51 -9.04
CA SER A 101 -29.02 10.38 -8.93
C SER A 101 -30.31 9.65 -9.27
N ASN A 102 -30.22 8.51 -9.90
CA ASN A 102 -31.22 7.55 -10.27
C ASN A 102 -31.30 6.43 -9.22
N PRO A 103 -32.48 5.89 -8.97
CA PRO A 103 -32.57 4.76 -8.05
C PRO A 103 -31.79 3.57 -8.56
N ILE A 104 -31.04 2.94 -7.65
CA ILE A 104 -30.42 1.65 -7.94
C ILE A 104 -31.53 0.61 -8.09
N SER A 105 -31.71 0.08 -9.30
CA SER A 105 -32.81 -0.85 -9.57
C SER A 105 -32.56 -2.21 -8.93
N GLU A 106 -31.31 -2.65 -8.92
CA GLU A 106 -30.93 -3.93 -8.34
C GLU A 106 -29.43 -3.93 -8.18
N PHE A 107 -28.91 -5.05 -7.67
CA PHE A 107 -27.49 -5.26 -7.51
C PHE A 107 -27.08 -6.47 -8.33
N LEU A 108 -26.07 -6.31 -9.17
CA LEU A 108 -25.61 -7.40 -10.02
C LEU A 108 -24.41 -8.06 -9.36
N THR A 109 -24.54 -9.35 -9.08
CA THR A 109 -23.59 -10.06 -8.24
C THR A 109 -22.45 -10.60 -9.08
N SER A 110 -21.32 -9.91 -9.04
CA SER A 110 -20.07 -10.36 -9.66
C SER A 110 -19.69 -11.76 -9.19
N SER A 111 -19.03 -12.50 -10.07
CA SER A 111 -18.34 -13.71 -9.61
C SER A 111 -17.04 -13.39 -8.85
N GLY A 112 -16.55 -12.16 -8.92
CA GLY A 112 -15.41 -11.77 -8.10
C GLY A 112 -15.89 -11.42 -6.69
N THR A 113 -15.06 -11.72 -5.70
CA THR A 113 -15.50 -11.71 -4.31
C THR A 113 -14.66 -10.78 -3.44
N SER A 114 -15.30 -10.32 -2.37
CA SER A 114 -14.68 -9.56 -1.30
C SER A 114 -15.11 -10.22 0.00
N GLY A 115 -14.14 -10.69 0.79
CA GLY A 115 -14.50 -11.40 1.99
C GLY A 115 -15.18 -12.73 1.74
N GLY A 116 -14.77 -13.43 0.70
CA GLY A 116 -15.42 -14.67 0.31
C GLY A 116 -16.82 -14.54 -0.25
N GLU A 117 -17.42 -13.35 -0.23
CA GLU A 117 -18.79 -13.12 -0.69
C GLU A 117 -18.81 -12.42 -2.05
N ARG A 118 -19.88 -12.64 -2.82
CA ARG A 118 -19.99 -12.03 -4.15
C ARG A 118 -20.04 -10.51 -4.05
N LYS A 119 -19.25 -9.84 -4.90
CA LYS A 119 -19.27 -8.39 -4.94
C LYS A 119 -20.58 -7.90 -5.52
N LEU A 120 -21.14 -6.86 -4.89
CA LEU A 120 -22.43 -6.30 -5.27
C LEU A 120 -22.20 -5.08 -6.16
N MET A 121 -22.49 -5.23 -7.46
CA MET A 121 -22.32 -4.13 -8.43
C MET A 121 -23.65 -3.39 -8.61
N PRO A 122 -23.69 -2.09 -8.41
CA PRO A 122 -24.94 -1.35 -8.59
C PRO A 122 -25.24 -1.12 -10.06
N THR A 123 -26.54 -1.15 -10.37
CA THR A 123 -27.00 -0.88 -11.73
C THR A 123 -28.25 -0.03 -11.63
N ILE A 124 -28.63 0.59 -12.75
CA ILE A 124 -29.89 1.30 -12.86
C ILE A 124 -30.63 0.75 -14.07
N GLU A 125 -31.96 0.95 -14.07
CA GLU A 125 -32.81 0.30 -15.08
C GLU A 125 -32.35 0.65 -16.49
N GLU A 126 -31.96 1.91 -16.71
CA GLU A 126 -31.54 2.34 -18.05
C GLU A 126 -30.35 1.54 -18.58
N GLU A 127 -29.53 0.97 -17.68
CA GLU A 127 -28.38 0.20 -18.17
C GLU A 127 -28.79 -0.99 -19.05
N LEU A 128 -30.02 -1.49 -18.90
CA LEU A 128 -30.50 -2.57 -19.75
C LEU A 128 -30.48 -2.19 -21.24
N ASP A 129 -30.61 -0.90 -21.55
CA ASP A 129 -30.58 -0.49 -22.95
C ASP A 129 -29.17 -0.62 -23.52
N ARG A 130 -28.18 -0.08 -22.81
CA ARG A 130 -26.81 -0.19 -23.28
C ARG A 130 -26.38 -1.65 -23.40
N ARG A 131 -26.90 -2.53 -22.54
CA ARG A 131 -26.58 -3.95 -22.68
C ARG A 131 -27.16 -4.52 -23.97
N SER A 132 -28.42 -4.18 -24.28
CA SER A 132 -29.02 -4.64 -25.53
C SER A 132 -28.32 -4.04 -26.72
N LEU A 133 -27.88 -2.77 -26.60
CA LEU A 133 -27.10 -2.11 -27.63
C LEU A 133 -25.89 -2.96 -28.04
N LEU A 134 -25.14 -3.46 -27.05
CA LEU A 134 -23.93 -4.23 -27.37
C LEU A 134 -24.29 -5.58 -27.96
N TYR A 135 -25.28 -6.27 -27.37
CA TYR A 135 -25.82 -7.47 -27.98
C TYR A 135 -26.23 -7.21 -29.42
N SER A 136 -26.81 -6.04 -29.70
CA SER A 136 -27.33 -5.75 -31.03
C SER A 136 -26.22 -5.64 -32.05
N LEU A 137 -24.97 -5.50 -31.61
CA LEU A 137 -23.84 -5.44 -32.53
C LEU A 137 -23.38 -6.82 -32.99
N LEU A 138 -23.82 -7.90 -32.33
CA LEU A 138 -23.10 -9.18 -32.46
C LEU A 138 -23.35 -9.86 -33.80
N MET A 139 -24.61 -10.06 -34.17
CA MET A 139 -24.96 -10.69 -35.43
C MET A 139 -24.60 -9.83 -36.64
N PRO A 140 -24.86 -8.51 -36.65
CA PRO A 140 -24.34 -7.68 -37.75
C PRO A 140 -22.86 -7.91 -38.06
N VAL A 141 -21.99 -7.89 -37.04
CA VAL A 141 -20.58 -8.24 -37.21
C VAL A 141 -20.44 -9.64 -37.80
N MET A 142 -21.12 -10.62 -37.19
CA MET A 142 -20.93 -12.01 -37.60
C MET A 142 -21.42 -12.25 -39.03
N ASP A 143 -22.58 -11.70 -39.36
CA ASP A 143 -23.19 -11.87 -40.67
C ASP A 143 -22.23 -11.45 -41.79
N GLN A 144 -21.33 -10.49 -41.51
CA GLN A 144 -20.26 -10.18 -42.44
C GLN A 144 -19.46 -11.42 -42.84
N PHE A 145 -19.18 -12.29 -41.89
CA PHE A 145 -18.28 -13.40 -42.15
C PHE A 145 -19.01 -14.71 -42.43
N VAL A 146 -20.11 -14.99 -41.74
CA VAL A 146 -20.92 -16.15 -42.07
C VAL A 146 -22.32 -15.67 -42.46
N PRO A 147 -22.61 -15.47 -43.74
CA PRO A 147 -23.96 -15.01 -44.11
C PRO A 147 -24.98 -16.13 -44.00
N GLY A 148 -26.24 -15.70 -44.00
CA GLY A 148 -27.38 -16.60 -44.05
C GLY A 148 -27.83 -17.16 -42.75
N LEU A 149 -27.30 -16.69 -41.61
CA LEU A 149 -27.69 -17.27 -40.33
C LEU A 149 -29.12 -16.92 -39.95
N ASP A 150 -29.72 -15.92 -40.61
CA ASP A 150 -31.13 -15.61 -40.37
C ASP A 150 -32.07 -16.72 -40.86
N LYS A 151 -31.61 -17.63 -41.71
CA LYS A 151 -32.44 -18.70 -42.23
C LYS A 151 -32.38 -19.95 -41.35
N GLY A 152 -31.94 -19.80 -40.11
CA GLY A 152 -31.71 -20.95 -39.27
C GLY A 152 -31.94 -20.59 -37.83
N LYS A 153 -31.66 -21.56 -36.96
CA LYS A 153 -31.83 -21.38 -35.51
C LYS A 153 -30.47 -21.50 -34.84
N GLY A 154 -30.42 -21.03 -33.60
CA GLY A 154 -29.24 -21.21 -32.78
C GLY A 154 -29.56 -22.05 -31.57
N MET A 155 -28.78 -23.11 -31.33
CA MET A 155 -28.95 -23.97 -30.15
C MET A 155 -27.99 -23.50 -29.08
N TYR A 156 -28.50 -22.66 -28.17
CA TYR A 156 -27.73 -22.13 -27.06
C TYR A 156 -28.36 -22.62 -25.77
N PHE A 157 -27.53 -23.15 -24.87
CA PHE A 157 -28.01 -23.56 -23.54
C PHE A 157 -27.82 -22.36 -22.61
N LEU A 158 -28.92 -21.69 -22.30
CA LEU A 158 -28.92 -20.47 -21.51
C LEU A 158 -29.66 -20.75 -20.21
N PHE A 159 -29.14 -20.22 -19.09
CA PHE A 159 -29.64 -20.60 -17.77
C PHE A 159 -29.70 -19.41 -16.84
N ILE A 160 -30.80 -19.31 -16.09
CA ILE A 160 -30.83 -18.43 -14.92
C ILE A 160 -30.09 -19.10 -13.77
N LYS A 161 -29.67 -18.28 -12.81
CA LYS A 161 -28.94 -18.78 -11.65
C LYS A 161 -29.62 -18.31 -10.38
N SER A 162 -29.02 -18.65 -9.26
CA SER A 162 -29.58 -18.31 -7.96
C SER A 162 -29.61 -16.80 -7.78
N GLU A 163 -30.51 -16.36 -6.91
CA GLU A 163 -30.95 -14.97 -6.83
C GLU A 163 -31.25 -14.66 -5.36
N SER A 164 -31.15 -13.39 -4.98
CA SER A 164 -31.25 -13.04 -3.58
C SER A 164 -31.90 -11.67 -3.42
N LYS A 165 -32.25 -11.33 -2.19
CA LYS A 165 -32.68 -10.01 -1.77
C LYS A 165 -31.72 -9.48 -0.72
N THR A 166 -31.32 -8.22 -0.86
CA THR A 166 -30.50 -7.57 0.13
C THR A 166 -31.37 -7.13 1.29
N PRO A 167 -30.78 -6.89 2.46
CA PRO A 167 -31.57 -6.36 3.59
C PRO A 167 -32.49 -5.20 3.24
N GLY A 168 -32.04 -4.27 2.41
CA GLY A 168 -32.89 -3.13 2.07
C GLY A 168 -34.03 -3.45 1.12
N GLY A 169 -34.06 -4.65 0.54
CA GLY A 169 -35.11 -5.09 -0.35
C GLY A 169 -34.68 -5.25 -1.80
N LEU A 170 -33.57 -4.65 -2.20
CA LEU A 170 -33.17 -4.70 -3.60
C LEU A 170 -32.89 -6.16 -4.01
N PRO A 171 -33.22 -6.54 -5.25
CA PRO A 171 -32.76 -7.84 -5.75
C PRO A 171 -31.25 -7.89 -5.86
N ALA A 172 -30.71 -9.10 -5.71
CA ALA A 172 -29.31 -9.38 -5.98
C ALA A 172 -29.27 -10.63 -6.84
N ARG A 173 -28.75 -10.51 -8.06
CA ARG A 173 -28.74 -11.63 -8.99
C ARG A 173 -27.71 -11.37 -10.09
N PRO A 174 -27.22 -12.41 -10.75
CA PRO A 174 -26.28 -12.21 -11.86
C PRO A 174 -26.95 -11.44 -12.99
N VAL A 175 -26.09 -10.84 -13.83
CA VAL A 175 -26.56 -10.01 -14.95
C VAL A 175 -27.51 -10.80 -15.82
N LEU A 176 -27.03 -11.95 -16.32
CA LEU A 176 -27.79 -12.74 -17.27
C LEU A 176 -29.14 -13.15 -16.69
N THR A 177 -29.20 -13.41 -15.38
CA THR A 177 -30.49 -13.73 -14.77
C THR A 177 -31.44 -12.55 -14.88
N SER A 178 -30.97 -11.35 -14.54
CA SER A 178 -31.85 -10.19 -14.67
C SER A 178 -32.07 -9.82 -16.13
N TYR A 179 -31.09 -10.08 -17.00
CA TYR A 179 -31.32 -9.89 -18.43
C TYR A 179 -32.36 -10.87 -18.96
N TYR A 180 -32.24 -12.17 -18.64
CA TYR A 180 -33.15 -13.15 -19.22
C TYR A 180 -34.57 -12.93 -18.75
N LYS A 181 -34.74 -12.37 -17.55
CA LYS A 181 -36.06 -12.07 -17.00
C LYS A 181 -36.58 -10.70 -17.40
N SER A 182 -35.71 -9.82 -17.89
CA SER A 182 -36.11 -8.48 -18.29
C SER A 182 -36.97 -8.52 -19.54
N SER A 183 -37.71 -7.43 -19.74
CA SER A 183 -38.52 -7.31 -20.95
C SER A 183 -37.67 -7.40 -22.20
N HIS A 184 -36.42 -6.91 -22.14
CA HIS A 184 -35.54 -6.94 -23.30
C HIS A 184 -35.34 -8.35 -23.84
N PHE A 185 -35.53 -9.37 -23.02
CA PHE A 185 -35.39 -10.76 -23.44
C PHE A 185 -36.71 -11.53 -23.35
N LYS A 186 -37.45 -11.36 -22.25
CA LYS A 186 -38.63 -12.20 -22.03
C LYS A 186 -39.69 -11.91 -23.09
N ASN A 187 -39.87 -10.65 -23.44
CA ASN A 187 -40.82 -10.23 -24.46
C ASN A 187 -40.09 -9.57 -25.60
N ARG A 188 -38.95 -10.14 -26.01
CA ARG A 188 -38.18 -9.46 -27.01
C ARG A 188 -38.91 -9.50 -28.36
N PRO A 189 -38.73 -8.47 -29.18
CA PRO A 189 -39.31 -8.50 -30.52
C PRO A 189 -38.64 -9.57 -31.35
N TYR A 190 -39.43 -10.25 -32.18
CA TYR A 190 -38.92 -11.35 -32.99
C TYR A 190 -37.74 -10.94 -33.85
N ASP A 191 -36.55 -11.43 -33.49
CA ASP A 191 -35.35 -11.25 -34.27
C ASP A 191 -34.96 -12.58 -34.87
N PRO A 192 -34.91 -12.71 -36.20
CA PRO A 192 -34.50 -14.00 -36.80
C PRO A 192 -33.03 -14.35 -36.57
N TYR A 193 -32.26 -13.45 -35.95
CA TYR A 193 -30.91 -13.70 -35.51
C TYR A 193 -30.84 -14.08 -34.03
N THR A 194 -31.93 -13.90 -33.29
CA THR A 194 -32.03 -14.45 -31.93
C THR A 194 -33.15 -15.50 -31.85
N ASN A 195 -33.35 -16.23 -32.96
CA ASN A 195 -34.27 -17.36 -33.04
C ASN A 195 -33.56 -18.60 -32.50
N TYR A 196 -33.86 -18.96 -31.27
CA TYR A 196 -33.18 -20.02 -30.53
C TYR A 196 -34.05 -21.26 -30.44
N THR A 197 -33.41 -22.42 -30.30
CA THR A 197 -34.16 -23.67 -30.13
C THR A 197 -34.75 -23.78 -28.72
N SER A 198 -34.14 -23.12 -27.73
CA SER A 198 -34.66 -23.10 -26.37
C SER A 198 -35.79 -22.08 -26.26
N PRO A 199 -37.01 -22.49 -25.95
CA PRO A 199 -38.05 -21.51 -25.64
C PRO A 199 -37.72 -20.74 -24.38
N ASN A 200 -38.35 -19.57 -24.24
CA ASN A 200 -38.12 -18.72 -23.08
C ASN A 200 -38.45 -19.44 -21.77
N GLN A 201 -39.69 -19.93 -21.65
CA GLN A 201 -40.11 -20.59 -20.40
C GLN A 201 -39.19 -21.74 -20.06
N THR A 202 -38.51 -22.29 -21.06
CA THR A 202 -37.56 -23.36 -20.88
C THR A 202 -36.25 -22.84 -20.28
N ILE A 203 -35.90 -21.60 -20.57
CA ILE A 203 -34.73 -20.95 -19.99
C ILE A 203 -35.06 -20.39 -18.61
N LEU A 204 -36.23 -19.74 -18.49
CA LEU A 204 -36.75 -19.12 -17.28
C LEU A 204 -37.24 -20.15 -16.23
N CYS A 205 -37.07 -21.44 -16.51
CA CYS A 205 -37.49 -22.46 -15.57
C CYS A 205 -36.68 -22.38 -14.29
N SER A 206 -37.37 -22.33 -13.15
CA SER A 206 -36.70 -22.26 -11.86
C SER A 206 -35.84 -23.47 -11.58
N ASP A 207 -36.18 -24.62 -12.21
CA ASP A 207 -35.55 -25.91 -11.94
C ASP A 207 -34.49 -26.18 -13.00
N SER A 208 -33.22 -26.23 -12.58
CA SER A 208 -32.13 -26.27 -13.56
C SER A 208 -32.08 -27.59 -14.30
N TYR A 209 -32.42 -28.70 -13.64
CA TYR A 209 -32.48 -29.99 -14.33
C TYR A 209 -33.55 -29.97 -15.43
N GLN A 210 -34.78 -29.59 -15.09
CA GLN A 210 -35.83 -29.44 -16.10
C GLN A 210 -35.41 -28.44 -17.18
N SER A 211 -34.72 -27.37 -16.80
CA SER A 211 -34.26 -26.42 -17.81
C SER A 211 -33.26 -27.04 -18.76
N MET A 212 -32.32 -27.85 -18.24
CA MET A 212 -31.35 -28.49 -19.13
C MET A 212 -32.00 -29.58 -19.95
N TYR A 213 -32.86 -30.37 -19.31
CA TYR A 213 -33.51 -31.47 -19.99
C TYR A 213 -34.38 -30.99 -21.14
N SER A 214 -35.14 -29.92 -20.91
CA SER A 214 -36.03 -29.42 -21.95
C SER A 214 -35.27 -28.73 -23.07
N GLN A 215 -34.15 -28.06 -22.74
CA GLN A 215 -33.37 -27.39 -23.79
C GLN A 215 -32.70 -28.41 -24.69
N MET A 216 -32.14 -29.47 -24.12
CA MET A 216 -31.53 -30.50 -24.95
C MET A 216 -32.59 -31.17 -25.83
N LEU A 217 -33.76 -31.49 -25.27
CA LEU A 217 -34.80 -32.10 -26.08
C LEU A 217 -35.19 -31.19 -27.25
N CYS A 218 -35.40 -29.89 -26.98
CA CYS A 218 -35.75 -28.99 -28.09
C CYS A 218 -34.61 -28.88 -29.10
N GLY A 219 -33.36 -28.90 -28.64
CA GLY A 219 -32.26 -28.88 -29.59
C GLY A 219 -32.25 -30.10 -30.50
N LEU A 220 -32.45 -31.29 -29.92
CA LEU A 220 -32.45 -32.48 -30.74
C LEU A 220 -33.68 -32.51 -31.64
N CYS A 221 -34.82 -32.09 -31.10
CA CYS A 221 -36.07 -32.11 -31.87
C CYS A 221 -35.95 -31.32 -33.18
N GLN A 222 -35.31 -30.14 -33.14
CA GLN A 222 -35.18 -29.27 -34.30
C GLN A 222 -33.77 -29.33 -34.90
N HIS A 223 -33.12 -30.50 -34.80
CA HIS A 223 -31.67 -30.62 -34.99
C HIS A 223 -31.17 -30.16 -36.36
N LYS A 224 -32.02 -30.19 -37.38
CA LYS A 224 -31.56 -29.87 -38.74
C LYS A 224 -31.60 -28.39 -39.07
N GLU A 225 -32.32 -27.59 -38.27
CA GLU A 225 -32.34 -26.14 -38.42
C GLU A 225 -31.13 -25.45 -37.79
N VAL A 226 -30.30 -26.18 -37.05
CA VAL A 226 -29.28 -25.55 -36.21
C VAL A 226 -28.07 -25.19 -37.05
N LEU A 227 -27.74 -23.89 -37.09
CA LEU A 227 -26.58 -23.42 -37.83
C LEU A 227 -25.41 -23.01 -36.94
N ARG A 228 -25.69 -22.75 -35.66
CA ARG A 228 -24.64 -22.49 -34.67
C ARG A 228 -25.10 -23.06 -33.33
N VAL A 229 -24.13 -23.49 -32.52
CA VAL A 229 -24.40 -23.93 -31.16
C VAL A 229 -23.53 -23.12 -30.20
N GLY A 230 -23.94 -23.08 -28.94
CA GLY A 230 -23.06 -22.57 -27.93
C GLY A 230 -23.70 -22.47 -26.56
N ALA A 231 -23.00 -21.71 -25.71
CA ALA A 231 -23.46 -21.26 -24.39
C ALA A 231 -22.62 -20.05 -24.08
N VAL A 232 -22.85 -19.44 -22.92
CA VAL A 232 -22.05 -18.26 -22.59
C VAL A 232 -20.60 -18.65 -22.37
N PHE A 233 -20.35 -19.72 -21.61
CA PHE A 233 -19.00 -20.17 -21.36
C PHE A 233 -18.78 -21.59 -21.84
N ALA A 234 -17.54 -21.88 -22.21
CA ALA A 234 -17.20 -23.22 -22.67
C ALA A 234 -17.56 -24.27 -21.61
N SER A 235 -17.28 -23.97 -20.34
CA SER A 235 -17.59 -24.90 -19.26
C SER A 235 -19.07 -25.29 -19.28
N GLY A 236 -19.96 -24.30 -19.45
CA GLY A 236 -21.38 -24.60 -19.49
C GLY A 236 -21.77 -25.45 -20.69
N PHE A 237 -21.28 -25.09 -21.87
CA PHE A 237 -21.60 -25.86 -23.06
C PHE A 237 -21.07 -27.30 -22.96
N ILE A 238 -19.87 -27.47 -22.39
CA ILE A 238 -19.28 -28.79 -22.14
C ILE A 238 -20.13 -29.59 -21.17
N ARG A 239 -20.78 -28.94 -20.21
CA ARG A 239 -21.62 -29.67 -19.27
C ARG A 239 -22.91 -30.13 -19.94
N ALA A 240 -23.35 -29.40 -20.97
CA ALA A 240 -24.53 -29.82 -21.69
C ALA A 240 -24.25 -31.02 -22.57
N ILE A 241 -23.05 -31.12 -23.12
CA ILE A 241 -22.73 -32.31 -23.89
C ILE A 241 -22.67 -33.52 -22.97
N LYS A 242 -22.06 -33.34 -21.78
CA LYS A 242 -22.01 -34.40 -20.79
C LYS A 242 -23.41 -34.83 -20.37
N PHE A 243 -24.34 -33.87 -20.29
CA PHE A 243 -25.74 -34.17 -20.00
C PHE A 243 -26.35 -35.06 -21.07
N LEU A 244 -26.19 -34.68 -22.36
CA LEU A 244 -26.71 -35.51 -23.43
C LEU A 244 -26.14 -36.91 -23.33
N GLU A 245 -24.87 -37.00 -22.92
CA GLU A 245 -24.21 -38.29 -22.76
C GLU A 245 -24.86 -39.12 -21.67
N LYS A 246 -25.24 -38.49 -20.56
CA LYS A 246 -25.91 -39.18 -19.46
C LYS A 246 -27.42 -39.33 -19.65
N HIS A 247 -28.02 -38.77 -20.72
CA HIS A 247 -29.48 -38.80 -20.77
C HIS A 247 -30.04 -39.10 -22.15
N TRP A 248 -29.23 -39.60 -23.09
CA TRP A 248 -29.76 -39.74 -24.44
C TRP A 248 -30.80 -40.86 -24.61
N PRO A 249 -30.72 -41.98 -23.88
CA PRO A 249 -31.80 -42.98 -24.08
C PRO A 249 -33.17 -42.42 -23.71
N GLU A 250 -33.26 -41.72 -22.57
CA GLU A 250 -34.54 -41.14 -22.17
C GLU A 250 -35.00 -40.10 -23.18
N LEU A 251 -34.07 -39.27 -23.66
CA LEU A 251 -34.43 -38.20 -24.60
C LEU A 251 -34.93 -38.78 -25.92
N ALA A 252 -34.18 -39.71 -26.50
CA ALA A 252 -34.63 -40.40 -27.71
C ALA A 252 -36.02 -40.99 -27.51
N ARG A 253 -36.22 -41.69 -26.38
CA ARG A 253 -37.53 -42.23 -26.06
C ARG A 253 -38.62 -41.15 -26.13
N ASP A 254 -38.35 -39.98 -25.56
CA ASP A 254 -39.33 -38.89 -25.64
C ASP A 254 -39.58 -38.47 -27.09
N ILE A 255 -38.52 -38.34 -27.87
CA ILE A 255 -38.68 -38.01 -29.29
C ILE A 255 -39.48 -39.11 -29.99
N ARG A 256 -39.15 -40.37 -29.69
CA ARG A 256 -39.78 -41.48 -30.38
C ARG A 256 -41.29 -41.49 -30.16
N THR A 257 -41.71 -41.49 -28.89
CA THR A 257 -43.12 -41.48 -28.52
C THR A 257 -43.75 -40.11 -28.64
N GLY A 258 -42.96 -39.07 -28.80
CA GLY A 258 -43.50 -37.73 -28.87
C GLY A 258 -44.13 -37.24 -27.58
N THR A 259 -43.71 -37.79 -26.45
CA THR A 259 -44.23 -37.38 -25.14
C THR A 259 -43.07 -37.06 -24.21
N LEU A 260 -43.24 -36.02 -23.42
CA LEU A 260 -42.19 -35.56 -22.51
C LEU A 260 -42.20 -36.37 -21.22
N SER A 261 -41.01 -36.81 -20.80
CA SER A 261 -40.80 -37.53 -19.53
C SER A 261 -41.68 -36.96 -18.42
N SER A 262 -42.43 -37.83 -17.73
CA SER A 262 -43.31 -37.34 -16.67
C SER A 262 -42.53 -36.65 -15.54
N GLU A 263 -41.23 -36.88 -15.44
CA GLU A 263 -40.41 -36.22 -14.44
C GLU A 263 -40.35 -34.71 -14.62
N ILE A 264 -40.69 -34.22 -15.82
CA ILE A 264 -40.71 -32.78 -16.07
C ILE A 264 -42.01 -32.21 -15.50
N THR A 265 -41.89 -31.61 -14.31
CA THR A 265 -43.03 -31.13 -13.52
C THR A 265 -43.62 -29.83 -14.06
N ASP A 266 -42.76 -28.90 -14.46
CA ASP A 266 -43.14 -27.52 -14.73
C ASP A 266 -44.13 -27.43 -15.90
N SER A 267 -45.32 -26.88 -15.64
CA SER A 267 -46.32 -26.79 -16.71
C SER A 267 -45.94 -25.75 -17.75
N SER A 268 -45.23 -24.69 -17.37
CA SER A 268 -44.59 -23.82 -18.35
C SER A 268 -43.84 -24.64 -19.38
N VAL A 269 -42.99 -25.55 -18.91
CA VAL A 269 -42.09 -26.30 -19.79
C VAL A 269 -42.87 -27.31 -20.63
N ARG A 270 -43.80 -28.04 -20.01
CA ARG A 270 -44.55 -29.04 -20.77
C ARG A 270 -45.29 -28.38 -21.92
N GLU A 271 -46.01 -27.29 -21.64
CA GLU A 271 -46.62 -26.50 -22.70
C GLU A 271 -45.58 -26.12 -23.75
N ALA A 272 -44.48 -25.50 -23.31
CA ALA A 272 -43.47 -25.03 -24.24
C ALA A 272 -42.94 -26.17 -25.10
N VAL A 273 -42.57 -27.29 -24.46
CA VAL A 273 -42.02 -28.41 -25.21
C VAL A 273 -43.08 -29.02 -26.11
N GLY A 274 -44.36 -28.94 -25.72
CA GLY A 274 -45.42 -29.51 -26.52
C GLY A 274 -45.58 -28.86 -27.88
N GLU A 275 -45.22 -27.58 -27.99
CA GLU A 275 -45.29 -26.90 -29.27
C GLU A 275 -44.31 -27.49 -30.27
N ILE A 276 -43.17 -27.99 -29.79
CA ILE A 276 -42.09 -28.46 -30.65
C ILE A 276 -42.13 -29.98 -30.80
N LEU A 277 -42.25 -30.68 -29.68
CA LEU A 277 -42.10 -32.13 -29.66
C LEU A 277 -43.29 -32.82 -30.32
N LYS A 278 -42.98 -33.75 -31.21
CA LYS A 278 -43.92 -34.57 -31.96
C LYS A 278 -43.28 -35.94 -32.12
N PRO A 279 -44.07 -37.01 -32.18
CA PRO A 279 -43.47 -38.36 -32.29
C PRO A 279 -42.66 -38.53 -33.57
N ASP A 280 -41.39 -38.86 -33.41
CA ASP A 280 -40.45 -38.95 -34.53
C ASP A 280 -39.57 -40.17 -34.33
N PRO A 281 -40.09 -41.36 -34.62
CA PRO A 281 -39.26 -42.56 -34.47
C PRO A 281 -37.97 -42.51 -35.28
N LYS A 282 -38.00 -42.00 -36.51
CA LYS A 282 -36.79 -41.98 -37.32
C LYS A 282 -35.72 -41.09 -36.69
N LEU A 283 -36.13 -39.96 -36.11
CA LEU A 283 -35.16 -39.11 -35.44
C LEU A 283 -34.61 -39.76 -34.18
N ALA A 284 -35.45 -40.52 -33.47
CA ALA A 284 -34.97 -41.23 -32.30
C ALA A 284 -33.92 -42.25 -32.68
N ASP A 285 -34.20 -43.04 -33.72
CA ASP A 285 -33.20 -43.97 -34.24
C ASP A 285 -31.89 -43.27 -34.54
N PHE A 286 -31.98 -42.05 -35.10
CA PHE A 286 -30.78 -41.33 -35.49
C PHE A 286 -29.99 -40.85 -34.29
N VAL A 287 -30.67 -40.18 -33.34
CA VAL A 287 -30.00 -39.78 -32.11
C VAL A 287 -29.28 -40.98 -31.49
N GLU A 288 -30.02 -42.08 -31.31
CA GLU A 288 -29.46 -43.28 -30.69
C GLU A 288 -28.22 -43.76 -31.44
N SER A 289 -28.32 -43.89 -32.76
CA SER A 289 -27.17 -44.43 -33.49
C SER A 289 -25.92 -43.57 -33.31
N GLU A 290 -26.07 -42.24 -33.18
CA GLU A 290 -24.88 -41.39 -33.01
C GLU A 290 -24.35 -41.44 -31.57
N CYS A 291 -25.26 -41.39 -30.59
CA CYS A 291 -24.88 -41.45 -29.19
C CYS A 291 -24.38 -42.83 -28.79
N ARG A 292 -24.81 -43.87 -29.50
CA ARG A 292 -24.40 -45.22 -29.12
C ARG A 292 -22.94 -45.47 -29.41
N LYS A 293 -22.37 -44.73 -30.37
CA LYS A 293 -20.98 -44.91 -30.79
C LYS A 293 -20.02 -44.69 -29.63
N THR A 294 -19.00 -45.55 -29.57
CA THR A 294 -18.02 -45.49 -28.49
C THR A 294 -17.31 -44.15 -28.45
N SER A 295 -16.97 -43.61 -29.63
CA SER A 295 -16.35 -42.30 -29.72
C SER A 295 -17.40 -41.23 -29.92
N TRP A 296 -17.34 -40.17 -29.11
CA TRP A 296 -18.14 -38.97 -29.34
C TRP A 296 -17.36 -37.88 -30.07
N GLN A 297 -16.22 -38.22 -30.64
CA GLN A 297 -15.45 -37.26 -31.43
C GLN A 297 -16.32 -36.71 -32.56
N GLY A 298 -16.49 -35.40 -32.58
CA GLY A 298 -17.23 -34.77 -33.65
C GLY A 298 -18.73 -34.99 -33.60
N ILE A 299 -19.26 -35.43 -32.47
CA ILE A 299 -20.69 -35.73 -32.44
C ILE A 299 -21.54 -34.47 -32.68
N ILE A 300 -21.04 -33.30 -32.33
CA ILE A 300 -21.80 -32.07 -32.60
C ILE A 300 -22.18 -31.94 -34.07
N THR A 301 -21.25 -32.23 -34.97
CA THR A 301 -21.51 -32.07 -36.40
C THR A 301 -22.15 -33.31 -37.00
N ARG A 302 -22.35 -34.36 -36.21
CA ARG A 302 -23.18 -35.48 -36.68
C ARG A 302 -24.61 -35.30 -36.23
N LEU A 303 -24.82 -34.98 -34.95
CA LEU A 303 -26.16 -34.69 -34.46
C LEU A 303 -26.72 -33.40 -35.08
N TRP A 304 -25.91 -32.35 -35.16
CA TRP A 304 -26.35 -31.07 -35.71
C TRP A 304 -25.51 -30.75 -36.95
N PRO A 305 -25.75 -31.48 -38.03
CA PRO A 305 -24.76 -31.51 -39.12
C PRO A 305 -24.61 -30.18 -39.84
N ASN A 306 -25.55 -29.25 -39.69
CA ASN A 306 -25.42 -27.94 -40.32
C ASN A 306 -24.74 -26.90 -39.44
N THR A 307 -24.22 -27.30 -38.28
CA THR A 307 -23.56 -26.33 -37.41
C THR A 307 -22.38 -25.70 -38.13
N LYS A 308 -22.31 -24.37 -38.12
CA LYS A 308 -21.22 -23.67 -38.75
C LYS A 308 -20.11 -23.26 -37.78
N TYR A 309 -20.41 -23.04 -36.50
CA TYR A 309 -19.37 -22.72 -35.54
C TYR A 309 -19.92 -22.95 -34.13
N VAL A 310 -19.03 -22.83 -33.15
CA VAL A 310 -19.35 -23.01 -31.73
C VAL A 310 -19.14 -21.68 -31.01
N ASP A 311 -20.19 -21.20 -30.37
CA ASP A 311 -20.26 -19.84 -29.81
C ASP A 311 -20.10 -19.98 -28.29
N VAL A 312 -18.86 -19.96 -27.83
CA VAL A 312 -18.56 -20.01 -26.41
C VAL A 312 -17.30 -19.18 -26.17
N ILE A 313 -17.25 -18.49 -25.04
CA ILE A 313 -16.02 -17.79 -24.66
C ILE A 313 -14.95 -18.82 -24.33
N VAL A 314 -13.79 -18.71 -25.01
CA VAL A 314 -12.65 -19.57 -24.75
C VAL A 314 -11.41 -18.70 -24.62
N THR A 315 -11.62 -17.44 -24.24
CA THR A 315 -10.55 -16.56 -23.85
C THR A 315 -10.51 -16.48 -22.32
N GLY A 316 -9.40 -16.00 -21.78
CA GLY A 316 -9.25 -16.06 -20.32
C GLY A 316 -9.09 -17.50 -19.85
N THR A 317 -9.58 -17.78 -18.63
CA THR A 317 -9.36 -19.12 -18.09
C THR A 317 -10.18 -20.17 -18.84
N MET A 318 -11.23 -19.75 -19.55
CA MET A 318 -11.98 -20.70 -20.36
C MET A 318 -11.16 -21.28 -21.50
N SER A 319 -9.94 -20.80 -21.73
CA SER A 319 -9.08 -21.36 -22.76
C SER A 319 -8.74 -22.82 -22.51
N GLN A 320 -8.76 -23.25 -21.26
CA GLN A 320 -8.46 -24.65 -20.96
C GLN A 320 -9.44 -25.61 -21.61
N TYR A 321 -10.58 -25.12 -22.11
CA TYR A 321 -11.58 -26.04 -22.61
C TYR A 321 -11.50 -26.26 -24.11
N ILE A 322 -10.62 -25.50 -24.81
CA ILE A 322 -10.53 -25.61 -26.26
C ILE A 322 -10.37 -27.04 -26.73
N PRO A 323 -9.50 -27.87 -26.13
CA PRO A 323 -9.31 -29.23 -26.67
C PRO A 323 -10.54 -30.11 -26.55
N THR A 324 -11.21 -30.10 -25.39
CA THR A 324 -12.46 -30.82 -25.26
C THR A 324 -13.50 -30.34 -26.26
N LEU A 325 -13.55 -29.03 -26.49
CA LEU A 325 -14.46 -28.51 -27.51
C LEU A 325 -14.08 -29.02 -28.88
N ASP A 326 -12.80 -28.89 -29.23
CA ASP A 326 -12.33 -29.34 -30.53
C ASP A 326 -12.62 -30.81 -30.75
N TYR A 327 -12.57 -31.61 -29.68
CA TYR A 327 -12.91 -33.02 -29.78
C TYR A 327 -14.38 -33.23 -30.15
N TYR A 328 -15.30 -32.61 -29.43
CA TYR A 328 -16.72 -32.84 -29.72
C TYR A 328 -17.16 -32.18 -31.02
N SER A 329 -16.55 -31.07 -31.39
CA SER A 329 -16.96 -30.35 -32.58
C SER A 329 -16.20 -30.77 -33.82
N ASN A 330 -15.15 -31.58 -33.66
CA ASN A 330 -14.27 -32.01 -34.74
C ASN A 330 -13.57 -30.79 -35.38
N GLY A 331 -13.06 -29.92 -34.54
CA GLY A 331 -12.31 -28.78 -35.03
C GLY A 331 -13.13 -27.74 -35.75
N LEU A 332 -14.43 -27.65 -35.47
CA LEU A 332 -15.20 -26.48 -35.87
C LEU A 332 -14.56 -25.21 -35.30
N PRO A 333 -14.83 -24.09 -35.92
CA PRO A 333 -14.35 -22.83 -35.36
C PRO A 333 -14.92 -22.55 -33.97
N LEU A 334 -14.11 -21.94 -33.14
CA LEU A 334 -14.55 -21.44 -31.85
C LEU A 334 -14.69 -19.93 -31.94
N VAL A 335 -15.77 -19.39 -31.39
CA VAL A 335 -16.12 -18.00 -31.62
C VAL A 335 -16.39 -17.32 -30.28
N CYS A 336 -15.60 -16.30 -29.97
CA CYS A 336 -15.75 -15.49 -28.75
C CYS A 336 -16.27 -14.12 -29.18
N THR A 337 -17.55 -13.85 -28.89
CA THR A 337 -18.19 -12.69 -29.50
C THR A 337 -18.08 -11.38 -28.70
N MET A 338 -18.05 -11.43 -27.36
CA MET A 338 -18.12 -10.19 -26.58
C MET A 338 -17.46 -10.37 -25.21
N TYR A 339 -17.26 -9.25 -24.53
CA TYR A 339 -16.49 -9.16 -23.30
C TYR A 339 -17.21 -8.21 -22.34
N ALA A 340 -17.46 -8.65 -21.12
CA ALA A 340 -18.35 -7.90 -20.24
C ALA A 340 -18.19 -8.38 -18.80
N SER A 341 -18.97 -7.74 -17.92
CA SER A 341 -18.89 -7.96 -16.48
C SER A 341 -20.19 -7.48 -15.85
N SER A 342 -20.37 -7.84 -14.59
CA SER A 342 -21.58 -7.42 -13.89
C SER A 342 -21.64 -5.91 -13.72
N GLU A 343 -20.49 -5.26 -13.59
CA GLU A 343 -20.51 -3.81 -13.42
C GLU A 343 -20.69 -3.07 -14.74
N CYS A 344 -20.48 -3.75 -15.88
CA CYS A 344 -20.38 -3.07 -17.18
C CYS A 344 -20.16 -3.99 -18.37
N TYR A 345 -20.98 -3.87 -19.41
CA TYR A 345 -20.66 -4.53 -20.67
C TYR A 345 -19.57 -3.71 -21.39
N PHE A 346 -18.57 -4.39 -21.94
CA PHE A 346 -17.31 -3.75 -22.35
C PHE A 346 -17.21 -3.62 -23.87
N GLY A 347 -17.06 -4.73 -24.58
CA GLY A 347 -16.73 -4.62 -25.99
C GLY A 347 -17.12 -5.81 -26.84
N VAL A 348 -16.76 -5.71 -28.11
CA VAL A 348 -17.19 -6.64 -29.15
C VAL A 348 -15.96 -7.20 -29.83
N ASN A 349 -16.05 -8.48 -30.25
CA ASN A 349 -15.02 -9.06 -31.12
C ASN A 349 -15.34 -8.70 -32.57
N LEU A 350 -14.49 -7.89 -33.19
CA LEU A 350 -14.72 -7.48 -34.57
C LEU A 350 -14.24 -8.50 -35.59
N ARG A 351 -13.56 -9.55 -35.13
CA ARG A 351 -13.08 -10.63 -35.99
C ARG A 351 -13.51 -11.96 -35.40
N PRO A 352 -14.81 -12.28 -35.43
CA PRO A 352 -15.28 -13.48 -34.71
C PRO A 352 -14.69 -14.80 -35.19
N LEU A 353 -14.19 -14.90 -36.43
CA LEU A 353 -13.64 -16.15 -36.94
C LEU A 353 -12.12 -16.24 -36.79
N CYS A 354 -11.53 -15.48 -35.88
CA CYS A 354 -10.10 -15.59 -35.62
C CYS A 354 -9.83 -16.76 -34.69
N LYS A 355 -8.58 -17.22 -34.69
CA LYS A 355 -8.14 -18.24 -33.73
C LYS A 355 -8.31 -17.72 -32.30
N PRO A 356 -8.65 -18.58 -31.34
CA PRO A 356 -8.81 -18.13 -29.94
C PRO A 356 -7.64 -17.36 -29.36
N SER A 357 -6.40 -17.72 -29.67
CA SER A 357 -5.26 -16.97 -29.18
C SER A 357 -5.04 -15.65 -29.95
N GLU A 358 -5.94 -15.27 -30.86
CA GLU A 358 -5.83 -13.99 -31.56
C GLU A 358 -6.99 -13.06 -31.25
N VAL A 359 -7.85 -13.42 -30.30
CA VAL A 359 -9.06 -12.65 -30.08
C VAL A 359 -8.70 -11.32 -29.44
N SER A 360 -9.21 -10.24 -30.04
CA SER A 360 -9.16 -8.88 -29.53
C SER A 360 -10.59 -8.40 -29.35
N TYR A 361 -10.82 -7.65 -28.28
CA TYR A 361 -12.11 -7.05 -28.01
C TYR A 361 -12.01 -5.54 -28.17
N THR A 362 -12.97 -4.97 -28.89
CA THR A 362 -13.07 -3.53 -29.10
C THR A 362 -14.05 -2.94 -28.09
N LEU A 363 -13.56 -2.16 -27.15
CA LEU A 363 -14.49 -1.55 -26.21
C LEU A 363 -15.34 -0.53 -26.94
N ILE A 364 -16.64 -0.61 -26.73
CA ILE A 364 -17.62 0.30 -27.30
C ILE A 364 -17.64 1.51 -26.39
N PRO A 365 -17.29 2.71 -26.88
CA PRO A 365 -17.09 3.86 -25.97
C PRO A 365 -18.36 4.43 -25.37
N ASN A 366 -19.53 3.89 -25.69
CA ASN A 366 -20.79 4.35 -25.14
C ASN A 366 -21.15 3.71 -23.81
N MET A 367 -20.51 2.59 -23.48
CA MET A 367 -20.93 1.80 -22.34
C MET A 367 -20.62 2.47 -21.02
N ALA A 368 -19.52 3.23 -20.96
CA ALA A 368 -19.01 3.78 -19.73
C ALA A 368 -17.78 4.60 -20.11
N TYR A 369 -17.27 5.37 -19.17
CA TYR A 369 -16.01 6.10 -19.37
C TYR A 369 -14.84 5.21 -18.90
N PHE A 370 -14.00 4.82 -19.85
CA PHE A 370 -12.91 3.86 -19.63
C PHE A 370 -11.58 4.57 -19.39
N GLU A 371 -10.86 4.10 -18.38
CA GLU A 371 -9.50 4.56 -18.11
C GLU A 371 -8.58 3.37 -17.90
N PHE A 372 -7.28 3.61 -17.99
CA PHE A 372 -6.34 2.52 -18.12
C PHE A 372 -5.09 2.82 -17.32
N LEU A 373 -4.83 1.99 -16.31
CA LEU A 373 -3.65 2.12 -15.48
C LEU A 373 -2.59 1.17 -15.99
N PRO A 374 -1.41 1.67 -16.38
CA PRO A 374 -0.35 0.78 -16.90
C PRO A 374 0.14 -0.18 -15.84
N VAL A 375 0.32 -1.45 -16.23
CA VAL A 375 0.78 -2.48 -15.30
C VAL A 375 1.98 -3.21 -15.89
N HIS A 376 2.68 -3.92 -15.02
CA HIS A 376 3.81 -4.72 -15.44
C HIS A 376 3.76 -6.03 -14.70
N ARG A 377 3.84 -7.14 -15.44
CA ARG A 377 3.81 -8.46 -14.86
C ARG A 377 5.20 -9.08 -14.89
N ASN A 378 5.48 -9.97 -13.93
CA ASN A 378 6.81 -10.58 -13.86
C ASN A 378 7.04 -11.58 -14.99
N SER A 379 5.98 -12.11 -15.59
CA SER A 379 6.07 -13.04 -16.71
C SER A 379 4.77 -12.96 -17.51
N GLY A 380 4.71 -13.72 -18.60
CA GLY A 380 3.46 -13.83 -19.34
C GLY A 380 2.44 -14.77 -18.73
N VAL A 381 2.87 -15.59 -17.77
CA VAL A 381 2.03 -16.64 -17.20
C VAL A 381 1.31 -16.22 -15.93
N THR A 382 1.73 -15.12 -15.30
CA THR A 382 1.24 -14.75 -13.97
C THR A 382 -0.04 -13.90 -14.05
N SER A 383 -0.90 -14.08 -13.06
CA SER A 383 -2.04 -13.20 -12.82
C SER A 383 -1.74 -12.20 -11.70
N SER A 384 -0.47 -11.95 -11.43
CA SER A 384 -0.05 -11.05 -10.37
C SER A 384 0.48 -9.75 -10.98
N ILE A 385 0.14 -8.64 -10.34
CA ILE A 385 0.40 -7.32 -10.86
C ILE A 385 1.62 -6.72 -10.16
N SER A 386 2.05 -5.57 -10.66
CA SER A 386 2.80 -4.57 -9.89
C SER A 386 2.77 -3.29 -10.72
N LEU A 387 3.44 -2.27 -10.21
CA LEU A 387 3.43 -0.97 -10.85
C LEU A 387 4.79 -0.69 -11.45
N PRO A 388 4.87 -0.26 -12.74
CA PRO A 388 6.16 0.08 -13.34
C PRO A 388 6.99 1.04 -12.50
N LYS A 389 8.30 1.02 -12.69
CA LYS A 389 9.20 1.90 -11.95
C LYS A 389 8.93 3.37 -12.27
N ALA A 390 9.04 3.72 -13.56
CA ALA A 390 8.89 5.11 -14.01
C ALA A 390 7.44 5.52 -14.24
N LEU A 391 6.47 4.81 -13.67
CA LEU A 391 5.05 5.19 -13.74
C LEU A 391 4.64 5.97 -12.49
N LYS A 394 0.85 5.15 -8.32
CA LYS A 394 -0.26 5.22 -7.36
C LYS A 394 -0.33 6.55 -6.61
N GLU A 395 0.49 7.52 -7.02
CA GLU A 395 0.33 8.91 -6.63
C GLU A 395 -0.26 9.75 -7.77
N GLN A 396 0.32 9.64 -8.98
CA GLN A 396 -0.36 10.11 -10.18
C GLN A 396 -1.36 9.03 -10.60
N GLN A 397 -2.58 9.20 -10.12
CA GLN A 397 -3.78 8.56 -10.68
C GLN A 397 -4.40 9.43 -11.75
N GLU A 398 -3.56 10.12 -12.53
CA GLU A 398 -3.94 10.65 -13.85
C GLU A 398 -3.66 9.55 -14.88
N LEU A 399 -4.65 8.67 -15.08
CA LEU A 399 -4.51 7.44 -15.85
C LEU A 399 -4.45 7.73 -17.34
N VAL A 400 -4.49 6.67 -18.14
CA VAL A 400 -4.49 6.77 -19.60
C VAL A 400 -5.92 6.61 -20.09
N ASP A 401 -6.33 7.50 -21.00
CA ASP A 401 -7.64 7.46 -21.67
C ASP A 401 -7.66 6.42 -22.80
N LEU A 402 -8.88 6.04 -23.21
CA LEU A 402 -9.09 4.96 -24.17
C LEU A 402 -8.25 5.14 -25.42
N VAL A 403 -8.34 6.29 -26.07
CA VAL A 403 -7.64 6.48 -27.33
C VAL A 403 -6.13 6.57 -27.16
N ASP A 404 -5.64 6.74 -25.93
CA ASP A 404 -4.24 7.01 -25.66
C ASP A 404 -3.44 5.77 -25.26
N VAL A 405 -4.08 4.59 -25.20
CA VAL A 405 -3.32 3.39 -24.86
C VAL A 405 -2.36 3.08 -26.00
N LYS A 406 -1.21 2.49 -25.67
CA LYS A 406 -0.15 2.26 -26.64
C LYS A 406 -0.07 0.79 -27.04
N LEU A 407 0.19 0.56 -28.33
CA LEU A 407 0.22 -0.79 -28.88
C LEU A 407 1.20 -1.67 -28.12
N GLY A 408 0.77 -2.89 -27.80
CA GLY A 408 1.60 -3.83 -27.10
C GLY A 408 1.73 -3.64 -25.60
N GLN A 409 1.22 -2.55 -25.03
CA GLN A 409 1.35 -2.33 -23.60
C GLN A 409 0.19 -2.95 -22.84
N GLU A 410 0.48 -3.36 -21.61
CA GLU A 410 -0.53 -3.90 -20.72
C GLU A 410 -1.05 -2.83 -19.78
N TYR A 411 -2.35 -2.88 -19.50
CA TYR A 411 -3.02 -1.98 -18.57
C TYR A 411 -4.06 -2.74 -17.76
N GLU A 412 -4.41 -2.15 -16.62
CA GLU A 412 -5.53 -2.61 -15.81
C GLU A 412 -6.74 -1.73 -16.12
N LEU A 413 -7.93 -2.34 -16.15
CA LEU A 413 -9.13 -1.67 -16.64
C LEU A 413 -9.81 -0.86 -15.53
N VAL A 414 -10.16 0.37 -15.85
CA VAL A 414 -10.82 1.29 -14.92
C VAL A 414 -12.10 1.77 -15.57
N VAL A 415 -13.14 1.97 -14.76
CA VAL A 415 -14.43 2.29 -15.36
C VAL A 415 -15.19 3.27 -14.48
N THR A 416 -15.85 4.24 -15.13
CA THR A 416 -16.88 5.09 -14.54
C THR A 416 -18.21 4.77 -15.21
N THR A 417 -19.21 4.36 -14.42
CA THR A 417 -20.48 3.93 -15.00
C THR A 417 -21.62 4.86 -14.63
N TYR A 418 -22.69 4.79 -15.44
CA TYR A 418 -23.90 5.58 -15.18
C TYR A 418 -24.52 5.27 -13.82
N ALA A 419 -24.20 4.12 -13.24
CA ALA A 419 -24.92 3.61 -12.07
C ALA A 419 -24.12 3.74 -10.79
N GLY A 420 -23.22 4.71 -10.70
CA GLY A 420 -22.59 5.05 -9.45
C GLY A 420 -21.18 4.53 -9.20
N LEU A 421 -20.56 3.88 -10.19
CA LEU A 421 -19.13 3.56 -10.10
C LEU A 421 -18.31 4.69 -10.72
N TYR A 422 -17.37 5.23 -9.96
CA TYR A 422 -16.47 6.27 -10.46
C TYR A 422 -15.04 5.77 -10.34
N ARG A 423 -14.39 5.60 -11.50
CA ARG A 423 -12.97 5.20 -11.57
C ARG A 423 -12.72 3.93 -10.76
N TYR A 424 -13.65 2.99 -10.88
CA TYR A 424 -13.54 1.70 -10.23
C TYR A 424 -12.62 0.79 -11.03
N ARG A 425 -11.73 0.08 -10.32
CA ARG A 425 -10.81 -0.89 -10.91
C ARG A 425 -11.56 -2.19 -11.14
N VAL A 426 -11.78 -2.55 -12.40
CA VAL A 426 -12.44 -3.83 -12.66
C VAL A 426 -11.57 -4.97 -12.16
N GLY A 427 -10.24 -4.80 -12.28
CA GLY A 427 -9.29 -5.83 -11.97
C GLY A 427 -8.89 -6.69 -13.14
N ASP A 428 -9.29 -6.34 -14.35
CA ASP A 428 -8.88 -7.06 -15.55
C ASP A 428 -7.58 -6.48 -16.09
N VAL A 429 -6.71 -7.35 -16.58
CA VAL A 429 -5.49 -6.94 -17.27
C VAL A 429 -5.68 -7.18 -18.76
N LEU A 430 -5.48 -6.13 -19.58
CA LEU A 430 -5.64 -6.17 -21.02
C LEU A 430 -4.35 -5.74 -21.71
N SER A 431 -4.21 -6.18 -22.95
CA SER A 431 -3.04 -5.83 -23.74
C SER A 431 -3.52 -5.24 -25.07
N VAL A 432 -3.04 -4.04 -25.40
CA VAL A 432 -3.45 -3.41 -26.65
C VAL A 432 -2.89 -4.24 -27.80
N ALA A 433 -3.77 -4.74 -28.65
CA ALA A 433 -3.39 -5.56 -29.77
C ALA A 433 -3.53 -4.84 -31.09
N GLY A 434 -4.24 -3.71 -31.10
CA GLY A 434 -4.46 -2.98 -32.32
C GLY A 434 -5.58 -1.99 -32.15
N PHE A 435 -5.99 -1.43 -33.28
CA PHE A 435 -7.00 -0.38 -33.27
C PHE A 435 -8.03 -0.63 -34.37
N LYS A 436 -9.28 -0.30 -34.07
CA LYS A 436 -10.32 -0.15 -35.08
C LYS A 436 -10.56 1.34 -35.18
N ASN A 437 -10.14 1.92 -36.32
CA ASN A 437 -10.10 3.37 -36.44
C ASN A 437 -9.32 3.93 -35.23
N ASN A 438 -9.94 4.76 -34.39
CA ASN A 438 -9.24 5.30 -33.24
C ASN A 438 -9.42 4.51 -31.94
N ALA A 439 -10.30 3.49 -31.92
CA ALA A 439 -10.68 2.70 -30.75
C ALA A 439 -9.76 1.48 -30.60
N PRO A 440 -9.13 1.30 -29.43
CA PRO A 440 -8.19 0.19 -29.25
C PRO A 440 -8.89 -1.15 -29.13
N GLN A 441 -8.17 -2.19 -29.51
CA GLN A 441 -8.64 -3.56 -29.39
C GLN A 441 -7.73 -4.31 -28.41
N PHE A 442 -8.33 -4.92 -27.40
CA PHE A 442 -7.57 -5.54 -26.31
C PHE A 442 -7.62 -7.05 -26.37
N SER A 443 -6.47 -7.67 -26.18
CA SER A 443 -6.46 -9.09 -25.89
C SER A 443 -6.57 -9.26 -24.38
N PHE A 444 -7.44 -10.19 -23.96
CA PHE A 444 -7.70 -10.38 -22.54
C PHE A 444 -6.60 -11.23 -21.93
N ILE A 445 -5.97 -10.69 -20.87
CA ILE A 445 -4.86 -11.38 -20.22
C ILE A 445 -5.39 -12.23 -19.06
N CYS A 446 -5.97 -11.58 -18.05
CA CYS A 446 -6.37 -12.28 -16.83
C CYS A 446 -7.20 -11.36 -15.97
N ARG A 447 -7.96 -11.95 -15.05
CA ARG A 447 -8.41 -11.23 -13.86
C ARG A 447 -7.32 -11.32 -12.80
N LYS A 448 -6.85 -10.18 -12.33
CA LYS A 448 -5.63 -10.18 -11.51
C LYS A 448 -5.82 -11.00 -10.24
N ASN A 449 -4.79 -11.81 -9.94
CA ASN A 449 -4.58 -12.71 -8.80
C ASN A 449 -5.38 -14.01 -8.84
N VAL A 450 -6.16 -14.29 -9.88
CA VAL A 450 -6.85 -15.56 -9.97
C VAL A 450 -5.84 -16.65 -10.32
N VAL A 451 -5.85 -17.75 -9.56
CA VAL A 451 -4.94 -18.87 -9.83
C VAL A 451 -5.69 -20.17 -10.12
N LEU A 452 -6.91 -20.31 -9.61
CA LEU A 452 -7.70 -21.50 -9.90
C LEU A 452 -9.10 -21.12 -10.37
N SER A 453 -9.58 -21.87 -11.36
CA SER A 453 -10.87 -21.60 -11.96
C SER A 453 -11.34 -22.72 -12.87
N ILE A 454 -12.53 -23.28 -12.59
CA ILE A 454 -13.15 -24.32 -13.40
C ILE A 454 -14.23 -23.68 -14.26
N ASP A 455 -15.20 -23.02 -13.61
CA ASP A 455 -16.30 -22.35 -14.30
C ASP A 455 -16.21 -20.85 -13.98
N SER A 456 -17.19 -20.29 -13.27
CA SER A 456 -17.18 -18.89 -12.87
C SER A 456 -16.35 -18.65 -11.62
N ASP A 457 -16.05 -19.69 -10.87
CA ASP A 457 -15.23 -19.58 -9.69
C ASP A 457 -13.87 -19.02 -10.04
N LYS A 458 -13.38 -18.12 -9.18
CA LYS A 458 -12.12 -17.41 -9.36
C LYS A 458 -11.45 -17.36 -7.98
N THR A 459 -10.52 -18.29 -7.74
CA THR A 459 -9.82 -18.42 -6.47
C THR A 459 -8.41 -17.83 -6.60
N ASP A 460 -8.01 -17.00 -5.61
CA ASP A 460 -6.68 -16.41 -5.61
C ASP A 460 -5.75 -17.15 -4.64
N GLU A 461 -4.49 -16.71 -4.60
CA GLU A 461 -3.49 -17.42 -3.80
C GLU A 461 -3.77 -17.23 -2.32
N VAL A 462 -4.18 -16.03 -1.92
CA VAL A 462 -4.48 -15.75 -0.53
C VAL A 462 -5.58 -16.68 -0.02
N GLU A 463 -6.68 -16.81 -0.80
CA GLU A 463 -7.78 -17.70 -0.42
C GLU A 463 -7.31 -19.14 -0.35
N LEU A 464 -6.58 -19.58 -1.36
CA LEU A 464 -6.01 -20.93 -1.33
C LEU A 464 -5.14 -21.12 -0.09
N GLN A 465 -4.26 -20.16 0.17
CA GLN A 465 -3.34 -20.26 1.29
C GLN A 465 -4.11 -20.40 2.61
N ASN A 466 -5.12 -19.57 2.81
CA ASN A 466 -5.81 -19.59 4.09
C ASN A 466 -6.67 -20.84 4.22
N ALA A 467 -7.19 -21.34 3.10
CA ALA A 467 -7.90 -22.62 3.10
C ALA A 467 -6.97 -23.76 3.50
N VAL A 468 -5.75 -23.76 2.97
CA VAL A 468 -4.81 -24.81 3.28
C VAL A 468 -4.34 -24.70 4.71
N LYS A 469 -4.23 -23.48 5.24
CA LYS A 469 -3.86 -23.30 6.64
C LYS A 469 -4.92 -23.93 7.55
N ASN A 470 -6.20 -23.72 7.22
CA ASN A 470 -7.27 -24.38 7.96
C ASN A 470 -7.16 -25.90 7.85
N ALA A 471 -6.90 -26.39 6.65
CA ALA A 471 -6.94 -27.82 6.41
C ALA A 471 -5.86 -28.53 7.23
N VAL A 472 -4.65 -27.98 7.25
CA VAL A 472 -3.57 -28.68 7.90
C VAL A 472 -3.74 -28.80 9.41
N THR A 473 -4.76 -28.14 10.01
CA THR A 473 -4.97 -28.32 11.45
C THR A 473 -5.38 -29.75 11.77
N HIS A 474 -6.08 -30.42 10.86
CA HIS A 474 -6.40 -31.83 11.03
C HIS A 474 -5.17 -32.72 11.12
N LEU A 475 -3.98 -32.20 10.84
CA LEU A 475 -2.76 -33.01 10.91
C LEU A 475 -2.06 -32.89 12.25
N VAL A 476 -2.22 -31.76 12.93
CA VAL A 476 -1.60 -31.53 14.25
C VAL A 476 -1.81 -32.69 15.22
N PRO A 477 -3.01 -33.30 15.31
CA PRO A 477 -3.16 -34.44 16.22
C PRO A 477 -2.21 -35.59 15.95
N PHE A 478 -1.76 -35.74 14.71
CA PHE A 478 -0.95 -36.87 14.32
C PHE A 478 0.53 -36.51 14.23
N ASP A 479 0.92 -35.33 14.70
CA ASP A 479 2.33 -34.96 14.76
C ASP A 479 2.96 -35.03 13.37
N ALA A 480 2.22 -34.50 12.40
CA ALA A 480 2.56 -34.46 10.99
C ALA A 480 2.26 -33.04 10.50
N SER A 481 2.79 -32.70 9.32
CA SER A 481 2.61 -31.35 8.79
C SER A 481 2.75 -31.32 7.27
N LEU A 482 2.33 -30.19 6.69
CA LEU A 482 2.52 -29.95 5.26
C LEU A 482 3.86 -29.26 5.08
N SER A 483 4.80 -29.96 4.42
CA SER A 483 6.05 -29.32 4.02
C SER A 483 5.82 -28.32 2.90
N GLU A 484 5.17 -28.77 1.82
CA GLU A 484 5.02 -27.96 0.62
C GLU A 484 3.78 -28.43 -0.14
N TYR A 485 3.20 -27.51 -0.90
CA TYR A 485 2.05 -27.85 -1.72
C TYR A 485 2.06 -26.98 -2.98
N THR A 486 1.28 -27.44 -3.97
CA THR A 486 0.89 -26.62 -5.10
C THR A 486 -0.48 -27.10 -5.55
N SER A 487 -1.04 -26.44 -6.57
CA SER A 487 -2.35 -26.79 -7.08
C SER A 487 -2.36 -26.68 -8.59
N TYR A 488 -3.38 -27.28 -9.19
CA TYR A 488 -3.72 -26.98 -10.56
C TYR A 488 -5.21 -27.21 -10.73
N ALA A 489 -5.73 -26.78 -11.89
CA ALA A 489 -7.13 -26.97 -12.25
C ALA A 489 -7.21 -28.16 -13.19
N ASP A 490 -7.77 -29.25 -12.71
CA ASP A 490 -7.86 -30.46 -13.50
C ASP A 490 -9.16 -30.42 -14.29
N THR A 491 -9.04 -30.32 -15.62
CA THR A 491 -10.21 -30.35 -16.50
C THR A 491 -10.30 -31.66 -17.25
N SER A 492 -9.64 -32.72 -16.76
CA SER A 492 -9.68 -34.00 -17.44
C SER A 492 -11.04 -34.68 -17.31
N SER A 493 -11.87 -34.23 -16.37
CA SER A 493 -13.24 -34.70 -16.22
C SER A 493 -14.20 -33.52 -16.27
N ILE A 494 -15.46 -33.82 -16.55
CA ILE A 494 -16.53 -32.84 -16.62
C ILE A 494 -17.50 -33.13 -15.47
N PRO A 495 -17.67 -32.21 -14.52
CA PRO A 495 -16.99 -30.93 -14.34
C PRO A 495 -15.57 -31.11 -13.80
N GLY A 496 -14.69 -30.13 -14.00
CA GLY A 496 -13.36 -30.18 -13.44
C GLY A 496 -13.36 -30.02 -11.93
N HIS A 497 -12.17 -30.15 -11.34
CA HIS A 497 -12.01 -29.92 -9.91
C HIS A 497 -10.64 -29.29 -9.65
N TYR A 498 -10.50 -28.71 -8.46
CA TYR A 498 -9.17 -28.29 -8.01
C TYR A 498 -8.41 -29.51 -7.49
N VAL A 499 -7.12 -29.61 -7.86
CA VAL A 499 -6.20 -30.58 -7.28
C VAL A 499 -5.13 -29.87 -6.45
N LEU A 500 -4.88 -30.37 -5.26
CA LEU A 500 -3.71 -29.97 -4.48
C LEU A 500 -2.71 -31.11 -4.42
N PHE A 501 -1.43 -30.78 -4.58
CA PHE A 501 -0.35 -31.72 -4.36
C PHE A 501 0.21 -31.42 -2.98
N TRP A 502 0.15 -32.41 -2.09
CA TRP A 502 0.62 -32.28 -0.72
C TRP A 502 1.81 -33.20 -0.50
N GLU A 503 2.86 -32.65 0.09
CA GLU A 503 3.98 -33.43 0.61
C GLU A 503 3.95 -33.25 2.12
N LEU A 504 3.68 -34.35 2.82
CA LEU A 504 3.64 -34.37 4.28
C LEU A 504 5.02 -34.59 4.88
N CYS A 505 5.19 -34.11 6.09
CA CYS A 505 6.28 -34.52 6.96
C CYS A 505 5.67 -35.28 8.15
N LEU A 506 6.02 -36.57 8.28
CA LEU A 506 5.47 -37.48 9.30
C LEU A 506 6.48 -37.70 10.42
N ASN A 507 6.20 -37.17 11.61
CA ASN A 507 7.03 -37.43 12.79
C ASN A 507 6.22 -38.14 13.86
N GLY A 508 5.36 -39.06 13.45
CA GLY A 508 4.37 -39.63 14.34
C GLY A 508 4.22 -41.11 14.08
N ASN A 509 3.72 -41.80 15.10
CA ASN A 509 3.57 -43.26 15.10
C ASN A 509 2.12 -43.72 15.06
N THR A 510 1.16 -42.79 14.96
CA THR A 510 -0.19 -43.16 14.58
C THR A 510 -0.30 -42.91 13.09
N PRO A 511 -0.50 -43.94 12.27
CA PRO A 511 -0.79 -43.69 10.85
C PRO A 511 -2.04 -42.83 10.73
N ILE A 512 -2.06 -41.99 9.70
CA ILE A 512 -3.12 -41.01 9.51
C ILE A 512 -4.25 -41.69 8.74
N PRO A 513 -5.42 -41.92 9.36
CA PRO A 513 -6.48 -42.64 8.66
C PRO A 513 -6.90 -41.88 7.41
N PRO A 514 -7.44 -42.56 6.41
CA PRO A 514 -7.80 -41.85 5.17
C PRO A 514 -8.88 -40.83 5.39
N SER A 515 -9.75 -41.05 6.38
CA SER A 515 -10.87 -40.16 6.63
C SER A 515 -10.40 -38.74 6.92
N VAL A 516 -9.19 -38.56 7.45
CA VAL A 516 -8.78 -37.21 7.82
C VAL A 516 -8.16 -36.47 6.64
N PHE A 517 -7.62 -37.19 5.65
CA PHE A 517 -7.29 -36.50 4.40
C PHE A 517 -8.56 -36.00 3.72
N GLU A 518 -9.64 -36.79 3.78
CA GLU A 518 -10.93 -36.31 3.29
C GLU A 518 -11.43 -35.13 4.12
N ASP A 519 -11.24 -35.19 5.45
CA ASP A 519 -11.55 -34.03 6.27
C ASP A 519 -10.79 -32.80 5.78
N CYS A 520 -9.58 -32.98 5.24
CA CYS A 520 -8.81 -31.84 4.74
C CYS A 520 -9.39 -31.31 3.44
N CYS A 521 -9.77 -32.21 2.52
CA CYS A 521 -10.47 -31.80 1.31
C CYS A 521 -11.70 -30.99 1.62
N LEU A 522 -12.55 -31.49 2.53
CA LEU A 522 -13.75 -30.75 2.89
C LEU A 522 -13.40 -29.38 3.50
N THR A 523 -12.41 -29.36 4.40
CA THR A 523 -12.10 -28.12 5.09
C THR A 523 -11.58 -27.06 4.13
N ILE A 524 -10.77 -27.46 3.13
CA ILE A 524 -10.40 -26.53 2.07
C ILE A 524 -11.65 -25.99 1.39
N GLU A 525 -12.50 -26.88 0.86
CA GLU A 525 -13.72 -26.47 0.19
C GLU A 525 -14.55 -25.52 1.04
N GLU A 526 -14.68 -25.79 2.34
CA GLU A 526 -15.51 -24.90 3.13
C GLU A 526 -14.87 -23.52 3.27
N SER A 527 -13.53 -23.43 3.17
CA SER A 527 -12.83 -22.17 3.35
C SER A 527 -12.81 -21.31 2.08
N LEU A 528 -13.10 -21.89 0.91
CA LEU A 528 -13.12 -21.18 -0.35
C LEU A 528 -14.41 -20.36 -0.47
N ASN A 529 -14.43 -19.43 -1.42
CA ASN A 529 -15.48 -18.41 -1.40
C ASN A 529 -16.83 -19.01 -1.84
N SER A 530 -17.87 -18.15 -1.78
CA SER A 530 -19.22 -18.64 -1.99
C SER A 530 -19.52 -18.95 -3.44
N VAL A 531 -18.76 -18.40 -4.38
CA VAL A 531 -18.94 -18.79 -5.78
C VAL A 531 -18.44 -20.22 -5.99
N TYR A 532 -17.25 -20.54 -5.45
CA TYR A 532 -16.76 -21.92 -5.50
C TYR A 532 -17.76 -22.88 -4.88
N ARG A 533 -18.29 -22.53 -3.69
CA ARG A 533 -19.20 -23.40 -2.98
C ARG A 533 -20.56 -23.51 -3.70
N GLN A 534 -21.06 -22.42 -4.29
CA GLN A 534 -22.30 -22.50 -5.06
C GLN A 534 -22.12 -23.38 -6.28
N GLY A 535 -20.96 -23.32 -6.91
CA GLY A 535 -20.65 -24.25 -7.99
C GLY A 535 -20.76 -25.69 -7.57
N ARG A 536 -20.25 -26.03 -6.37
CA ARG A 536 -20.30 -27.41 -5.92
C ARG A 536 -21.71 -27.81 -5.49
N VAL A 537 -22.45 -26.89 -4.88
CA VAL A 537 -23.74 -27.20 -4.23
C VAL A 537 -24.91 -27.04 -5.17
N SER A 538 -24.94 -25.94 -5.93
CA SER A 538 -26.09 -25.55 -6.75
C SER A 538 -25.86 -25.77 -8.24
N ASP A 539 -24.82 -25.18 -8.79
CA ASP A 539 -24.60 -25.23 -10.23
C ASP A 539 -24.03 -26.57 -10.70
N LYS A 540 -23.51 -27.39 -9.79
CA LYS A 540 -22.72 -28.56 -10.15
C LYS A 540 -21.74 -28.25 -11.26
N SER A 541 -21.19 -27.04 -11.26
CA SER A 541 -20.16 -26.62 -12.20
C SER A 541 -18.76 -26.99 -11.71
N ILE A 542 -18.62 -27.55 -10.52
CA ILE A 542 -17.33 -27.94 -10.00
C ILE A 542 -17.46 -29.30 -9.31
N GLY A 543 -16.56 -30.21 -9.62
CA GLY A 543 -16.49 -31.46 -8.91
C GLY A 543 -15.73 -31.33 -7.60
N PRO A 544 -15.78 -32.40 -6.80
CA PRO A 544 -15.13 -32.37 -5.48
C PRO A 544 -13.63 -32.15 -5.57
N LEU A 545 -13.13 -31.30 -4.68
CA LEU A 545 -11.69 -31.10 -4.54
C LEU A 545 -10.97 -32.42 -4.28
N GLU A 546 -9.75 -32.49 -4.78
CA GLU A 546 -8.86 -33.64 -4.65
C GLU A 546 -7.54 -33.20 -4.02
N ILE A 547 -7.01 -34.02 -3.11
CA ILE A 547 -5.65 -33.84 -2.60
C ILE A 547 -4.83 -35.07 -2.96
N LYS A 548 -3.78 -34.86 -3.75
CA LYS A 548 -2.84 -35.91 -4.10
C LYS A 548 -1.60 -35.77 -3.22
N MET A 549 -1.26 -36.84 -2.53
CA MET A 549 -0.05 -36.89 -1.72
C MET A 549 1.12 -37.34 -2.57
N VAL A 550 2.24 -36.62 -2.48
CA VAL A 550 3.41 -36.96 -3.31
C VAL A 550 4.50 -37.58 -2.45
N GLU A 551 5.36 -38.37 -3.10
CA GLU A 551 6.51 -38.96 -2.44
C GLU A 551 7.34 -37.89 -1.76
N SER A 552 7.96 -38.26 -0.64
CA SER A 552 8.90 -37.36 0.01
C SER A 552 10.00 -36.96 -0.97
N GLY A 553 10.33 -35.67 -0.99
CA GLY A 553 11.37 -35.15 -1.85
C GLY A 553 10.89 -34.55 -3.14
N THR A 554 9.57 -34.51 -3.36
CA THR A 554 9.09 -34.15 -4.68
C THR A 554 9.33 -32.67 -4.96
N PHE A 555 8.99 -31.81 -4.00
CA PHE A 555 9.19 -30.38 -4.19
C PHE A 555 10.67 -30.00 -4.16
N ASP A 556 11.52 -30.81 -3.53
CA ASP A 556 12.95 -30.66 -3.70
C ASP A 556 13.37 -30.91 -5.14
N LYS A 557 12.80 -31.95 -5.76
CA LYS A 557 13.15 -32.23 -7.14
C LYS A 557 12.70 -31.11 -8.06
N LEU A 558 11.55 -30.48 -7.77
CA LEU A 558 11.14 -29.29 -8.50
C LEU A 558 12.19 -28.20 -8.35
N MET A 559 12.45 -27.79 -7.11
CA MET A 559 13.46 -26.78 -6.85
C MET A 559 14.79 -27.09 -7.53
N ASP A 560 15.09 -28.37 -7.75
CA ASP A 560 16.32 -28.73 -8.44
C ASP A 560 16.30 -28.26 -9.88
N TYR A 561 15.17 -28.41 -10.56
CA TYR A 561 14.96 -27.82 -11.88
C TYR A 561 15.25 -26.33 -11.85
N ALA A 562 14.62 -25.61 -10.91
CA ALA A 562 14.75 -24.17 -10.84
C ALA A 562 16.20 -23.74 -10.68
N ILE A 563 16.93 -24.38 -9.76
CA ILE A 563 18.34 -24.03 -9.55
C ILE A 563 19.16 -24.27 -10.82
N SER A 564 18.97 -25.45 -11.44
CA SER A 564 19.67 -25.78 -12.67
C SER A 564 19.54 -24.68 -13.71
N LEU A 565 18.39 -24.00 -13.73
CA LEU A 565 18.00 -23.02 -14.72
C LEU A 565 18.27 -21.59 -14.30
N GLY A 566 18.97 -21.39 -13.18
CA GLY A 566 19.40 -20.06 -12.81
C GLY A 566 19.03 -19.57 -11.42
N ALA A 567 18.23 -20.34 -10.68
CA ALA A 567 17.62 -19.86 -9.44
C ALA A 567 18.54 -19.98 -8.22
N SER A 568 18.52 -18.95 -7.38
CA SER A 568 19.22 -18.98 -6.10
C SER A 568 18.36 -19.64 -5.03
N ILE A 569 19.00 -20.47 -4.21
CA ILE A 569 18.26 -21.34 -3.29
C ILE A 569 17.58 -20.51 -2.21
N ASN A 570 18.30 -19.54 -1.60
CA ASN A 570 17.70 -18.81 -0.47
C ASN A 570 16.58 -17.84 -0.92
N GLN A 571 16.20 -17.90 -2.20
CA GLN A 571 15.11 -17.10 -2.73
C GLN A 571 14.00 -17.91 -3.40
N TYR A 572 14.23 -19.20 -3.68
CA TYR A 572 13.23 -20.00 -4.38
C TYR A 572 12.00 -20.22 -3.51
N LYS A 573 10.84 -20.10 -4.13
CA LYS A 573 9.59 -20.39 -3.46
C LYS A 573 8.76 -21.31 -4.32
N THR A 574 8.23 -22.34 -3.70
CA THR A 574 7.34 -23.26 -4.38
C THR A 574 6.04 -22.57 -4.77
N PRO A 575 5.69 -22.54 -6.04
CA PRO A 575 4.47 -21.82 -6.46
C PRO A 575 3.22 -22.46 -5.89
N ARG A 576 2.33 -21.60 -5.36
CA ARG A 576 1.05 -22.05 -4.82
C ARG A 576 0.19 -22.75 -5.88
N CYS A 577 0.38 -22.39 -7.15
CA CYS A 577 -0.36 -22.95 -8.26
C CYS A 577 0.55 -23.12 -9.47
N VAL A 578 0.29 -24.17 -10.27
CA VAL A 578 1.00 -24.38 -11.53
C VAL A 578 0.00 -24.71 -12.63
N LYS A 579 0.25 -24.19 -13.84
CA LYS A 579 -0.52 -24.58 -15.02
C LYS A 579 0.34 -25.08 -16.17
N PHE A 580 1.67 -24.99 -16.09
CA PHE A 580 2.60 -25.59 -17.03
C PHE A 580 2.43 -27.10 -17.11
N ALA A 581 1.93 -27.63 -18.23
CA ALA A 581 1.62 -29.06 -18.28
C ALA A 581 2.80 -29.97 -17.94
N PRO A 582 4.02 -29.76 -18.44
CA PRO A 582 5.11 -30.69 -18.10
C PRO A 582 5.41 -30.75 -16.61
N ILE A 583 5.25 -29.64 -15.88
CA ILE A 583 5.52 -29.66 -14.45
C ILE A 583 4.38 -30.33 -13.69
N ILE A 584 3.13 -30.08 -14.09
CA ILE A 584 2.00 -30.83 -13.54
C ILE A 584 2.18 -32.33 -13.78
N GLU A 585 2.68 -32.69 -14.95
CA GLU A 585 2.91 -34.09 -15.29
C GLU A 585 3.97 -34.72 -14.38
N LEU A 586 5.03 -33.97 -14.08
CA LEU A 586 6.08 -34.44 -13.18
C LEU A 586 5.54 -34.70 -11.78
N LEU A 587 4.90 -33.70 -11.18
CA LEU A 587 4.19 -33.88 -9.92
C LEU A 587 3.26 -35.09 -9.94
N ASN A 588 2.47 -35.26 -11.01
CA ASN A 588 1.56 -36.39 -11.03
C ASN A 588 2.30 -37.71 -11.07
N SER A 589 3.53 -37.72 -11.57
CA SER A 589 4.31 -38.96 -11.60
C SER A 589 4.71 -39.42 -10.21
N ARG A 590 4.82 -38.50 -9.25
CA ARG A 590 5.22 -38.86 -7.90
C ARG A 590 4.05 -38.89 -6.93
N VAL A 591 2.83 -39.10 -7.43
CA VAL A 591 1.66 -39.22 -6.57
C VAL A 591 1.66 -40.58 -5.88
N VAL A 592 1.28 -40.59 -4.60
CA VAL A 592 1.15 -41.82 -3.84
C VAL A 592 -0.33 -42.22 -3.68
N ASP A 593 -1.11 -41.39 -2.99
CA ASP A 593 -2.56 -41.56 -2.87
C ASP A 593 -3.27 -40.27 -3.25
N SER A 594 -4.58 -40.36 -3.43
CA SER A 594 -5.37 -39.18 -3.64
C SER A 594 -6.68 -39.29 -2.87
N TYR A 595 -7.12 -38.14 -2.36
CA TYR A 595 -8.32 -38.07 -1.56
C TYR A 595 -9.24 -36.97 -2.10
N PHE A 596 -10.53 -37.19 -1.97
CA PHE A 596 -11.53 -36.32 -2.54
C PHE A 596 -12.46 -35.84 -1.44
N SER A 597 -12.99 -34.63 -1.61
CA SER A 597 -13.98 -34.12 -0.69
C SER A 597 -15.17 -35.09 -0.65
N PRO A 598 -15.56 -35.58 0.54
CA PRO A 598 -16.58 -36.63 0.61
C PRO A 598 -18.02 -36.13 0.50
N LYS A 599 -18.24 -34.83 0.50
CA LYS A 599 -19.59 -34.26 0.40
C LYS A 599 -19.45 -32.82 -0.05
N CYS A 600 -20.59 -32.16 -0.22
CA CYS A 600 -20.54 -30.78 -0.68
C CYS A 600 -20.21 -29.83 0.47
N PRO A 601 -19.50 -28.72 0.18
CA PRO A 601 -19.35 -27.67 1.19
C PRO A 601 -20.67 -26.96 1.44
N LYS A 602 -20.71 -26.02 2.37
CA LYS A 602 -21.94 -25.31 2.70
C LYS A 602 -22.12 -24.09 1.81
N TRP A 603 -23.29 -23.94 1.22
CA TRP A 603 -23.59 -22.76 0.44
C TRP A 603 -25.05 -22.42 0.60
N SER A 604 -25.35 -21.12 0.62
CA SER A 604 -26.72 -20.69 0.77
C SER A 604 -26.85 -19.34 0.08
N PRO A 605 -27.96 -19.06 -0.59
CA PRO A 605 -28.05 -17.85 -1.41
C PRO A 605 -27.94 -16.57 -0.57
N GLY A 606 -27.11 -15.65 -1.05
CA GLY A 606 -26.95 -14.34 -0.45
C GLY A 606 -25.64 -14.21 0.32
N HIS A 607 -25.45 -13.01 0.88
CA HIS A 607 -24.37 -12.80 1.85
C HIS A 607 -24.73 -13.47 3.16
N LYS A 608 -23.70 -13.92 3.89
CA LYS A 608 -23.98 -14.66 5.12
C LYS A 608 -24.67 -13.79 6.16
N GLN A 609 -24.41 -12.47 6.16
CA GLN A 609 -25.09 -11.58 7.10
C GLN A 609 -26.61 -11.62 6.94
N TRP A 610 -27.11 -11.99 5.77
CA TRP A 610 -28.53 -11.86 5.47
C TRP A 610 -29.31 -13.06 5.98
N SER B 14 9.99 12.16 52.89
CA SER B 14 9.90 12.64 51.51
C SER B 14 11.30 12.95 50.94
N ASP B 15 12.26 13.23 51.83
CA ASP B 15 13.66 13.28 51.39
C ASP B 15 14.24 11.86 51.26
N GLU B 16 13.91 10.97 52.20
CA GLU B 16 14.38 9.59 52.08
C GLU B 16 13.49 8.74 51.17
N SER B 17 12.22 9.11 51.00
CA SER B 17 11.43 8.45 49.97
C SER B 17 11.98 8.75 48.58
N LEU B 18 12.56 9.94 48.40
CA LEU B 18 13.22 10.31 47.14
C LEU B 18 14.40 9.39 46.86
N ALA B 19 15.30 9.27 47.84
CA ALA B 19 16.50 8.45 47.70
C ALA B 19 16.14 6.99 47.48
N GLU B 20 15.08 6.53 48.16
CA GLU B 20 14.57 5.19 47.92
C GLU B 20 14.15 5.03 46.47
N LYS B 21 13.36 5.98 45.97
CA LYS B 21 12.97 5.97 44.57
C LYS B 21 14.19 5.94 43.65
N ASN B 22 15.19 6.76 43.94
CA ASN B 22 16.38 6.80 43.10
C ASN B 22 17.08 5.45 43.10
N LYS B 23 17.27 4.87 44.30
CA LYS B 23 17.92 3.56 44.38
C LYS B 23 17.11 2.49 43.68
N ASN B 24 15.78 2.57 43.73
CA ASN B 24 14.94 1.64 42.98
C ASN B 24 15.21 1.72 41.48
N LYS B 25 15.36 2.93 40.95
CA LYS B 25 15.55 3.10 39.51
C LYS B 25 16.94 2.65 39.09
N LEU B 26 17.96 3.00 39.87
CA LEU B 26 19.30 2.47 39.62
C LEU B 26 19.34 0.96 39.70
N GLN B 27 18.55 0.35 40.60
CA GLN B 27 18.54 -1.11 40.71
C GLN B 27 17.85 -1.73 39.51
N PHE B 28 16.75 -1.13 39.06
CA PHE B 28 16.13 -1.53 37.80
C PHE B 28 17.15 -1.57 36.68
N ILE B 29 18.01 -0.55 36.59
CA ILE B 29 19.06 -0.56 35.57
C ILE B 29 19.95 -1.79 35.75
N GLU B 30 20.25 -2.15 37.01
CA GLU B 30 21.09 -3.32 37.21
C GLU B 30 20.40 -4.60 36.76
N ASP B 31 19.07 -4.69 36.91
CA ASP B 31 18.37 -5.93 36.56
C ASP B 31 18.11 -6.07 35.07
N VAL B 32 17.69 -5.00 34.37
CA VAL B 32 17.47 -5.16 32.93
C VAL B 32 18.80 -5.31 32.20
N THR B 33 19.86 -4.64 32.67
CA THR B 33 21.16 -4.79 32.00
C THR B 33 21.85 -6.09 32.36
N THR B 34 21.54 -6.71 33.50
CA THR B 34 22.16 -8.00 33.79
C THR B 34 21.45 -9.14 33.07
N ASN B 35 20.12 -9.09 33.01
CA ASN B 35 19.30 -10.08 32.31
C ASN B 35 18.78 -9.55 30.99
N ALA B 36 19.62 -8.86 30.21
CA ALA B 36 19.15 -8.21 28.99
C ALA B 36 18.60 -9.22 27.99
N ASP B 37 19.29 -10.36 27.81
CA ASP B 37 18.83 -11.32 26.81
C ASP B 37 17.42 -11.81 27.11
N ASP B 38 17.18 -12.21 28.37
CA ASP B 38 15.84 -12.64 28.75
C ASP B 38 14.82 -11.51 28.63
N VAL B 39 15.20 -10.26 28.93
CA VAL B 39 14.26 -9.17 28.73
C VAL B 39 14.00 -8.96 27.25
N GLN B 40 15.04 -9.10 26.42
CA GLN B 40 14.86 -8.97 24.97
C GLN B 40 13.91 -10.03 24.42
N ARG B 41 14.00 -11.27 24.93
CA ARG B 41 13.16 -12.34 24.41
C ARG B 41 11.74 -12.22 24.95
N ARG B 42 11.58 -11.73 26.18
CA ARG B 42 10.25 -11.50 26.72
C ARG B 42 9.55 -10.37 25.99
N VAL B 43 10.28 -9.31 25.65
CA VAL B 43 9.72 -8.22 24.86
C VAL B 43 9.15 -8.75 23.55
N LEU B 44 9.98 -9.46 22.79
CA LEU B 44 9.53 -9.99 21.50
C LEU B 44 8.34 -10.93 21.69
N GLU B 45 8.44 -11.84 22.66
CA GLU B 45 7.33 -12.75 22.94
C GLU B 45 6.04 -12.00 23.29
N GLU B 46 6.17 -10.82 23.90
CA GLU B 46 4.98 -10.00 24.17
C GLU B 46 4.44 -9.35 22.90
N ILE B 47 5.31 -8.70 22.13
CA ILE B 47 4.87 -8.05 20.89
C ILE B 47 4.25 -9.08 19.96
N LEU B 48 4.93 -10.21 19.78
CA LEU B 48 4.47 -11.17 18.78
C LEU B 48 3.26 -11.95 19.24
N SER B 49 2.96 -11.95 20.54
CA SER B 49 1.78 -12.66 21.01
C SER B 49 0.56 -11.77 21.04
N ARG B 50 0.75 -10.46 21.27
CA ARG B 50 -0.40 -9.55 21.27
C ARG B 50 -0.84 -9.20 19.86
N ASN B 51 0.12 -9.09 18.93
CA ASN B 51 -0.13 -8.79 17.54
C ASN B 51 -0.03 -10.01 16.64
N ALA B 52 -0.07 -11.21 17.23
CA ALA B 52 0.05 -12.46 16.47
C ALA B 52 -0.97 -12.57 15.34
N ASP B 53 -2.09 -11.87 15.48
CA ASP B 53 -3.24 -11.98 14.58
C ASP B 53 -3.37 -10.79 13.64
N VAL B 54 -2.35 -9.93 13.56
CA VAL B 54 -2.43 -8.74 12.71
C VAL B 54 -2.08 -9.11 11.28
N GLU B 55 -2.38 -8.19 10.37
CA GLU B 55 -2.34 -8.48 8.95
C GLU B 55 -0.91 -8.75 8.48
N TYR B 56 0.03 -7.91 8.91
CA TYR B 56 1.40 -7.94 8.40
C TYR B 56 2.14 -9.21 8.83
N LEU B 57 1.89 -9.68 10.05
CA LEU B 57 2.56 -10.89 10.51
C LEU B 57 1.91 -12.14 9.91
N LYS B 58 0.58 -12.15 9.81
CA LYS B 58 -0.08 -13.28 9.16
C LYS B 58 0.30 -13.36 7.69
N ARG B 59 0.29 -12.22 7.00
CA ARG B 59 0.66 -12.16 5.59
C ARG B 59 2.06 -12.71 5.34
N HIS B 60 2.97 -12.57 6.32
CA HIS B 60 4.34 -13.02 6.17
C HIS B 60 4.58 -14.42 6.71
N GLY B 61 3.53 -15.10 7.20
CA GLY B 61 3.59 -16.51 7.49
C GLY B 61 3.97 -16.88 8.90
N LEU B 62 4.13 -15.90 9.80
CA LEU B 62 4.46 -16.21 11.19
C LEU B 62 3.41 -17.12 11.82
N GLU B 63 2.14 -16.88 11.52
CA GLU B 63 1.04 -17.72 11.97
C GLU B 63 1.04 -17.91 13.49
N GLY B 64 1.27 -16.82 14.21
CA GLY B 64 1.16 -16.85 15.66
C GLY B 64 2.36 -17.36 16.41
N ARG B 65 3.47 -17.64 15.74
CA ARG B 65 4.69 -18.08 16.41
C ARG B 65 5.39 -16.88 17.05
N THR B 66 5.70 -17.00 18.35
CA THR B 66 6.39 -15.97 19.11
C THR B 66 7.86 -16.29 19.32
N ASP B 67 8.34 -17.34 18.66
CA ASP B 67 9.72 -17.81 18.74
C ASP B 67 10.70 -16.78 18.16
N ARG B 68 11.78 -16.49 18.90
CA ARG B 68 12.82 -15.58 18.40
C ARG B 68 13.46 -16.10 17.10
N GLU B 69 13.78 -17.39 17.08
CA GLU B 69 14.45 -17.99 15.93
C GLU B 69 13.57 -17.95 14.68
N THR B 70 12.27 -18.19 14.83
CA THR B 70 11.35 -18.13 13.70
C THR B 70 11.22 -16.71 13.20
N PHE B 71 11.05 -15.76 14.13
CA PHE B 71 10.95 -14.35 13.79
C PHE B 71 12.11 -13.92 12.90
N LYS B 72 13.34 -14.25 13.32
CA LYS B 72 14.52 -13.83 12.56
C LYS B 72 14.62 -14.56 11.23
N HIS B 73 14.08 -15.78 11.16
CA HIS B 73 14.26 -16.56 9.94
C HIS B 73 13.26 -16.16 8.86
N ILE B 74 12.00 -15.93 9.23
CA ILE B 74 10.96 -15.72 8.24
C ILE B 74 10.56 -14.25 8.07
N MET B 75 10.85 -13.40 9.02
CA MET B 75 10.35 -12.06 8.73
C MET B 75 11.44 -11.20 8.10
N PRO B 76 11.07 -10.29 7.20
CA PRO B 76 12.05 -9.42 6.55
C PRO B 76 12.42 -8.19 7.36
N VAL B 77 13.68 -7.82 7.30
CA VAL B 77 14.11 -6.50 7.74
C VAL B 77 13.74 -5.49 6.67
N VAL B 78 13.25 -4.32 7.08
CA VAL B 78 12.54 -3.40 6.21
C VAL B 78 13.00 -1.97 6.43
N THR B 79 12.80 -1.17 5.40
CA THR B 79 12.90 0.28 5.49
C THR B 79 11.50 0.87 5.54
N TYR B 80 11.42 2.17 5.82
CA TYR B 80 10.13 2.86 5.79
C TYR B 80 9.38 2.55 4.50
N GLU B 81 10.09 2.51 3.37
CA GLU B 81 9.42 2.38 2.09
C GLU B 81 8.69 1.06 1.97
N ASP B 82 9.28 -0.02 2.46
CA ASP B 82 8.62 -1.32 2.39
C ASP B 82 7.33 -1.32 3.20
N ILE B 83 7.26 -0.46 4.23
CA ILE B 83 6.16 -0.40 5.18
C ILE B 83 5.16 0.70 4.84
N GLN B 84 5.59 1.75 4.13
CA GLN B 84 4.72 2.83 3.65
C GLN B 84 3.33 2.37 3.22
N PRO B 85 3.18 1.27 2.45
CA PRO B 85 1.81 0.79 2.14
C PRO B 85 0.89 0.74 3.36
N GLU B 86 1.37 0.10 4.42
CA GLU B 86 0.54 -0.06 5.61
C GLU B 86 0.39 1.26 6.35
N ILE B 87 1.51 1.96 6.57
CA ILE B 87 1.45 3.25 7.26
C ILE B 87 0.39 4.14 6.63
N ASN B 88 0.46 4.32 5.31
CA ASN B 88 -0.46 5.25 4.66
C ASN B 88 -1.88 4.72 4.70
N ARG B 89 -2.06 3.42 4.50
CA ARG B 89 -3.37 2.80 4.70
C ARG B 89 -3.94 3.14 6.08
N ILE B 90 -3.11 3.01 7.13
CA ILE B 90 -3.59 3.34 8.47
C ILE B 90 -3.86 4.83 8.58
N ALA B 91 -2.98 5.67 8.00
CA ALA B 91 -3.15 7.12 8.13
C ALA B 91 -4.38 7.62 7.37
N ASN B 92 -4.80 6.89 6.35
CA ASN B 92 -5.96 7.24 5.56
C ASN B 92 -7.27 6.76 6.17
N GLY B 93 -7.23 6.08 7.32
CA GLY B 93 -8.43 5.73 8.05
C GLY B 93 -8.63 4.25 8.30
N ASP B 94 -7.71 3.37 7.91
CA ASP B 94 -7.87 1.93 8.11
C ASP B 94 -7.80 1.63 9.60
N LYS B 95 -8.94 1.33 10.22
CA LYS B 95 -8.95 0.99 11.63
C LYS B 95 -8.84 -0.50 11.88
N SER B 96 -8.69 -1.31 10.82
CA SER B 96 -8.38 -2.71 10.97
C SER B 96 -7.04 -2.89 11.67
N GLN B 97 -6.70 -4.16 11.95
CA GLN B 97 -5.44 -4.50 12.62
C GLN B 97 -4.38 -4.82 11.55
N VAL B 98 -3.89 -3.74 10.93
CA VAL B 98 -2.91 -3.87 9.86
C VAL B 98 -1.54 -4.25 10.41
N LEU B 99 -0.99 -3.40 11.27
CA LEU B 99 0.34 -3.61 11.83
C LEU B 99 0.31 -3.90 13.31
N CYS B 100 -0.86 -3.88 13.93
CA CYS B 100 -0.92 -3.79 15.38
C CYS B 100 -2.36 -3.96 15.88
N SER B 101 -2.57 -4.92 16.78
CA SER B 101 -3.90 -5.19 17.31
C SER B 101 -4.39 -4.11 18.28
N ASN B 102 -3.49 -3.24 18.76
CA ASN B 102 -3.96 -2.08 19.52
C ASN B 102 -4.15 -0.90 18.58
N PRO B 103 -5.22 -0.13 18.77
CA PRO B 103 -5.46 1.01 17.87
C PRO B 103 -4.29 1.98 17.88
N ILE B 104 -3.86 2.37 16.68
CA ILE B 104 -2.82 3.39 16.53
C ILE B 104 -3.39 4.70 17.05
N SER B 105 -2.83 5.21 18.14
CA SER B 105 -3.38 6.43 18.74
C SER B 105 -3.13 7.66 17.89
N GLU B 106 -1.99 7.69 17.19
CA GLU B 106 -1.52 8.87 16.47
C GLU B 106 -0.25 8.48 15.74
N PHE B 107 0.23 9.38 14.89
CA PHE B 107 1.49 9.20 14.17
C PHE B 107 2.52 10.20 14.68
N LEU B 108 3.69 9.70 15.02
CA LEU B 108 4.81 10.52 15.44
C LEU B 108 5.68 10.82 14.23
N THR B 109 5.77 12.11 13.89
CA THR B 109 6.36 12.56 12.63
C THR B 109 7.88 12.70 12.79
N SER B 110 8.62 11.76 12.20
CA SER B 110 10.07 11.76 12.28
C SER B 110 10.65 12.99 11.59
N SER B 111 11.82 13.42 12.06
CA SER B 111 12.57 14.42 11.28
C SER B 111 13.24 13.79 10.08
N GLY B 112 13.29 12.45 10.02
CA GLY B 112 13.75 11.77 8.84
C GLY B 112 12.62 11.68 7.82
N THR B 113 12.97 11.78 6.55
CA THR B 113 11.95 11.93 5.53
C THR B 113 12.02 10.82 4.49
N SER B 114 10.93 10.69 3.76
CA SER B 114 10.81 9.76 2.65
C SER B 114 10.03 10.51 1.59
N GLY B 115 10.57 10.62 0.38
CA GLY B 115 9.90 11.40 -0.65
C GLY B 115 9.75 12.86 -0.29
N GLY B 116 10.55 13.37 0.67
CA GLY B 116 10.54 14.75 1.06
C GLY B 116 9.73 15.04 2.31
N GLU B 117 8.83 14.15 2.70
CA GLU B 117 7.90 14.41 3.80
C GLU B 117 8.32 13.62 5.04
N ARG B 118 7.93 14.13 6.21
CA ARG B 118 8.23 13.48 7.48
C ARG B 118 7.68 12.05 7.51
N LYS B 119 8.54 11.08 7.79
CA LYS B 119 8.08 9.70 7.95
C LYS B 119 7.10 9.60 9.13
N LEU B 120 5.98 8.92 8.89
CA LEU B 120 4.94 8.72 9.90
C LEU B 120 5.24 7.45 10.69
N MET B 121 5.56 7.61 11.97
CA MET B 121 5.84 6.45 12.80
C MET B 121 4.64 6.17 13.70
N PRO B 122 4.04 4.98 13.64
CA PRO B 122 2.84 4.72 14.43
C PRO B 122 3.18 4.51 15.90
N THR B 123 2.16 4.70 16.74
CA THR B 123 2.32 4.60 18.18
C THR B 123 0.98 4.19 18.81
N ILE B 124 1.06 3.74 20.07
CA ILE B 124 -0.07 3.40 20.93
C ILE B 124 0.06 4.21 22.21
N GLU B 125 -1.06 4.35 22.92
CA GLU B 125 -1.02 5.04 24.21
C GLU B 125 -0.09 4.31 25.18
N GLU B 126 -0.16 2.98 25.19
CA GLU B 126 0.64 2.17 26.10
C GLU B 126 2.12 2.53 26.05
N GLU B 127 2.60 3.05 24.91
CA GLU B 127 3.99 3.43 24.78
C GLU B 127 4.29 4.78 25.43
N LEU B 128 3.26 5.53 25.86
CA LEU B 128 3.54 6.66 26.73
C LEU B 128 4.25 6.20 27.99
N ASP B 129 3.88 5.02 28.50
CA ASP B 129 4.46 4.54 29.73
C ASP B 129 5.93 4.18 29.56
N ARG B 130 6.29 3.66 28.40
CA ARG B 130 7.69 3.29 28.19
C ARG B 130 8.57 4.53 28.03
N ARG B 131 8.05 5.57 27.38
CA ARG B 131 8.78 6.83 27.27
C ARG B 131 8.96 7.48 28.64
N SER B 132 7.95 7.38 29.50
CA SER B 132 8.07 7.92 30.84
C SER B 132 9.04 7.11 31.68
N LEU B 133 9.06 5.79 31.47
CA LEU B 133 9.98 4.91 32.18
C LEU B 133 11.42 5.32 31.94
N LEU B 134 11.78 5.52 30.66
CA LEU B 134 13.11 5.98 30.33
C LEU B 134 13.38 7.38 30.90
N TYR B 135 12.37 8.25 30.89
CA TYR B 135 12.54 9.56 31.52
C TYR B 135 12.84 9.41 33.01
N SER B 136 12.24 8.41 33.66
CA SER B 136 12.35 8.27 35.11
C SER B 136 13.73 7.81 35.57
N LEU B 137 14.56 7.35 34.64
CA LEU B 137 15.90 6.86 34.95
C LEU B 137 16.96 7.97 34.96
N LEU B 138 16.66 9.12 34.34
CA LEU B 138 17.68 10.12 34.03
C LEU B 138 18.22 10.78 35.30
N MET B 139 17.33 11.30 36.15
CA MET B 139 17.79 11.97 37.37
C MET B 139 18.33 11.02 38.44
N PRO B 140 17.82 9.78 38.59
CA PRO B 140 18.53 8.84 39.49
C PRO B 140 19.98 8.63 39.09
N VAL B 141 20.22 8.41 37.79
CA VAL B 141 21.59 8.29 37.28
C VAL B 141 22.38 9.57 37.59
N MET B 142 21.82 10.72 37.24
CA MET B 142 22.56 11.98 37.36
C MET B 142 22.88 12.27 38.82
N ASP B 143 21.91 12.03 39.71
CA ASP B 143 22.09 12.29 41.14
C ASP B 143 23.30 11.56 41.69
N GLN B 144 23.69 10.44 41.08
CA GLN B 144 24.89 9.73 41.51
C GLN B 144 26.11 10.63 41.49
N PHE B 145 26.21 11.48 40.46
CA PHE B 145 27.39 12.30 40.21
C PHE B 145 27.19 13.76 40.58
N VAL B 146 25.99 14.32 40.37
CA VAL B 146 25.72 15.71 40.75
C VAL B 146 24.58 15.77 41.77
N PRO B 147 24.86 16.08 43.03
CA PRO B 147 23.81 16.08 44.05
C PRO B 147 23.12 17.43 44.24
N GLY B 148 21.99 17.37 44.92
CA GLY B 148 21.23 18.54 45.29
C GLY B 148 20.29 19.09 44.25
N LEU B 149 20.14 18.45 43.09
CA LEU B 149 19.37 19.07 42.02
C LEU B 149 17.90 19.19 42.36
N ASP B 150 17.42 18.42 43.32
CA ASP B 150 16.05 18.53 43.83
C ASP B 150 15.83 19.80 44.66
N LYS B 151 16.90 20.48 45.10
CA LYS B 151 16.75 21.68 45.91
C LYS B 151 16.59 22.95 45.06
N GLY B 152 16.49 22.81 43.74
CA GLY B 152 16.46 23.95 42.87
C GLY B 152 15.73 23.66 41.58
N LYS B 153 15.89 24.56 40.60
CA LYS B 153 15.15 24.54 39.36
C LYS B 153 16.08 24.36 38.16
N GLY B 154 15.55 23.72 37.12
CA GLY B 154 16.19 23.67 35.82
C GLY B 154 15.56 24.69 34.87
N MET B 155 16.42 25.38 34.13
CA MET B 155 15.97 26.28 33.09
C MET B 155 16.14 25.56 31.76
N TYR B 156 15.05 24.99 31.26
CA TYR B 156 15.05 24.26 30.00
C TYR B 156 14.11 24.97 29.05
N PHE B 157 14.61 25.30 27.86
CA PHE B 157 13.77 25.90 26.82
C PHE B 157 13.18 24.77 25.98
N LEU B 158 11.89 24.52 26.19
CA LEU B 158 11.18 23.38 25.62
C LEU B 158 10.03 23.90 24.78
N PHE B 159 9.84 23.32 23.60
CA PHE B 159 8.89 23.88 22.65
C PHE B 159 8.04 22.80 22.02
N ILE B 160 6.82 23.17 21.67
CA ILE B 160 5.96 22.32 20.85
C ILE B 160 6.13 22.78 19.41
N LYS B 161 5.73 21.94 18.47
CA LYS B 161 5.91 22.21 17.05
C LYS B 161 4.60 21.97 16.30
N SER B 162 4.59 22.35 15.03
CA SER B 162 3.39 22.26 14.23
C SER B 162 2.87 20.84 14.22
N GLU B 163 1.54 20.73 14.07
CA GLU B 163 0.87 19.45 14.16
C GLU B 163 -0.23 19.46 13.11
N SER B 164 -0.64 18.26 12.68
CA SER B 164 -1.64 18.13 11.62
C SER B 164 -2.63 17.04 11.99
N LYS B 165 -3.45 16.68 11.01
CA LYS B 165 -4.36 15.54 11.09
C LYS B 165 -4.21 14.75 9.80
N THR B 166 -4.12 13.44 9.92
CA THR B 166 -4.09 12.60 8.75
C THR B 166 -5.47 12.56 8.10
N PRO B 167 -5.54 12.16 6.82
CA PRO B 167 -6.86 12.04 6.17
C PRO B 167 -7.88 11.29 7.02
N GLY B 168 -7.46 10.22 7.70
CA GLY B 168 -8.35 9.45 8.55
C GLY B 168 -8.61 10.02 9.93
N GLY B 169 -8.08 11.19 10.26
CA GLY B 169 -8.36 11.84 11.53
C GLY B 169 -7.30 11.68 12.60
N LEU B 170 -6.28 10.84 12.38
CA LEU B 170 -5.25 10.64 13.40
C LEU B 170 -4.33 11.85 13.49
N PRO B 171 -3.99 12.29 14.69
CA PRO B 171 -3.01 13.38 14.81
C PRO B 171 -1.66 12.95 14.27
N ALA B 172 -0.92 13.92 13.73
CA ALA B 172 0.44 13.70 13.29
C ALA B 172 1.30 14.83 13.83
N ARG B 173 2.14 14.53 14.83
CA ARG B 173 2.96 15.55 15.43
C ARG B 173 4.22 14.90 15.99
N PRO B 174 5.24 15.69 16.32
CA PRO B 174 6.48 15.12 16.86
C PRO B 174 6.27 14.51 18.24
N VAL B 175 7.27 13.71 18.66
CA VAL B 175 7.17 12.97 19.93
C VAL B 175 7.07 13.93 21.10
N LEU B 176 7.91 14.97 21.07
CA LEU B 176 7.95 15.92 22.16
C LEU B 176 6.66 16.73 22.26
N THR B 177 6.01 17.03 21.13
CA THR B 177 4.71 17.70 21.22
C THR B 177 3.66 16.79 21.85
N SER B 178 3.58 15.53 21.41
CA SER B 178 2.61 14.64 22.04
C SER B 178 2.95 14.42 23.50
N TYR B 179 4.24 14.27 23.82
CA TYR B 179 4.59 14.08 25.23
C TYR B 179 4.28 15.32 26.05
N TYR B 180 4.70 16.50 25.57
CA TYR B 180 4.45 17.71 26.36
C TYR B 180 2.96 17.97 26.53
N LYS B 181 2.14 17.52 25.57
CA LYS B 181 0.71 17.74 25.65
C LYS B 181 -0.03 16.64 26.40
N SER B 182 0.64 15.55 26.74
CA SER B 182 0.01 14.41 27.40
C SER B 182 -0.03 14.62 28.91
N SER B 183 -0.91 13.85 29.55
CA SER B 183 -1.01 13.85 31.01
C SER B 183 0.29 13.47 31.69
N HIS B 184 1.21 12.81 30.98
CA HIS B 184 2.50 12.46 31.57
C HIS B 184 3.37 13.69 31.77
N PHE B 185 3.07 14.79 31.09
CA PHE B 185 3.79 16.04 31.27
C PHE B 185 2.86 17.16 31.70
N LYS B 186 1.88 17.53 30.87
CA LYS B 186 0.96 18.60 31.19
C LYS B 186 0.29 18.39 32.55
N ASN B 187 0.06 17.14 32.94
CA ASN B 187 -0.56 16.86 34.22
C ASN B 187 0.39 16.12 35.17
N ARG B 188 1.69 16.16 34.88
CA ARG B 188 2.64 15.38 35.65
C ARG B 188 2.54 15.74 37.13
N PRO B 189 2.67 14.76 38.01
CA PRO B 189 2.69 15.07 39.45
C PRO B 189 3.87 15.96 39.79
N TYR B 190 3.83 16.55 41.00
CA TYR B 190 4.95 17.36 41.43
C TYR B 190 6.17 16.49 41.70
N ASP B 191 7.31 16.97 41.25
CA ASP B 191 8.51 16.19 41.36
C ASP B 191 9.70 17.15 41.34
N PRO B 192 10.46 17.23 42.43
CA PRO B 192 11.57 18.20 42.49
C PRO B 192 12.60 18.02 41.37
N TYR B 193 12.52 16.95 40.57
CA TYR B 193 13.40 16.69 39.43
C TYR B 193 12.77 17.06 38.07
N THR B 194 11.50 17.46 38.05
CA THR B 194 10.90 18.07 36.87
C THR B 194 10.38 19.45 37.22
N ASN B 195 11.11 20.14 38.10
CA ASN B 195 10.78 21.49 38.54
C ASN B 195 11.57 22.47 37.66
N TYR B 196 10.93 23.02 36.63
CA TYR B 196 11.55 23.88 35.64
C TYR B 196 11.11 25.33 35.78
N THR B 197 11.95 26.26 35.31
CA THR B 197 11.57 27.68 35.34
C THR B 197 10.39 27.98 34.42
N SER B 198 10.08 27.09 33.49
CA SER B 198 9.09 27.38 32.47
C SER B 198 7.74 26.78 32.83
N PRO B 199 6.70 27.59 32.98
CA PRO B 199 5.36 27.05 33.25
C PRO B 199 4.86 26.23 32.08
N ASN B 200 3.99 25.25 32.38
CA ASN B 200 3.41 24.45 31.31
C ASN B 200 2.72 25.32 30.26
N GLN B 201 2.07 26.40 30.69
CA GLN B 201 1.37 27.24 29.72
C GLN B 201 2.34 27.93 28.79
N THR B 202 3.60 28.05 29.17
CA THR B 202 4.59 28.69 28.32
C THR B 202 5.19 27.71 27.31
N ILE B 203 5.32 26.44 27.67
CA ILE B 203 5.86 25.47 26.73
C ILE B 203 4.80 25.12 25.70
N LEU B 204 3.54 25.07 26.13
CA LEU B 204 2.42 24.63 25.31
C LEU B 204 1.81 25.75 24.47
N CYS B 205 2.44 26.91 24.41
CA CYS B 205 1.91 28.02 23.63
C CYS B 205 2.22 27.81 22.15
N SER B 206 1.19 27.95 21.31
CA SER B 206 1.38 27.75 19.87
C SER B 206 2.42 28.69 19.32
N ASP B 207 2.36 29.96 19.71
CA ASP B 207 3.18 31.02 19.15
C ASP B 207 4.61 30.91 19.65
N SER B 208 5.54 30.59 18.74
CA SER B 208 6.92 30.31 19.14
C SER B 208 7.59 31.52 19.75
N TYR B 209 7.37 32.71 19.20
CA TYR B 209 7.97 33.91 19.78
C TYR B 209 7.42 34.17 21.17
N GLN B 210 6.11 34.12 21.33
CA GLN B 210 5.50 34.23 22.65
C GLN B 210 6.03 33.16 23.61
N SER B 211 6.23 31.94 23.10
CA SER B 211 6.78 30.87 23.94
C SER B 211 8.20 31.19 24.36
N MET B 212 9.07 31.49 23.38
CA MET B 212 10.46 31.82 23.70
C MET B 212 10.55 33.02 24.65
N TYR B 213 9.82 34.10 24.35
CA TYR B 213 9.90 35.30 25.17
C TYR B 213 9.53 35.00 26.62
N SER B 214 8.45 34.26 26.85
CA SER B 214 8.01 34.06 28.22
C SER B 214 8.88 33.08 28.97
N GLN B 215 9.43 32.08 28.26
CA GLN B 215 10.37 31.15 28.89
C GLN B 215 11.67 31.86 29.27
N MET B 216 12.17 32.73 28.42
CA MET B 216 13.38 33.46 28.79
C MET B 216 13.10 34.35 29.99
N LEU B 217 11.97 35.06 30.00
CA LEU B 217 11.67 35.96 31.10
C LEU B 217 11.50 35.18 32.40
N CYS B 218 10.83 34.03 32.35
CA CYS B 218 10.69 33.21 33.53
C CYS B 218 12.05 32.73 34.04
N GLY B 219 12.92 32.29 33.13
CA GLY B 219 14.23 31.86 33.54
C GLY B 219 15.04 32.99 34.17
N LEU B 220 14.94 34.18 33.59
CA LEU B 220 15.62 35.34 34.16
C LEU B 220 15.10 35.65 35.55
N CYS B 221 13.77 35.63 35.71
CA CYS B 221 13.14 36.03 36.95
C CYS B 221 13.58 35.16 38.10
N GLN B 222 13.73 33.86 37.87
CA GLN B 222 14.13 32.92 38.91
C GLN B 222 15.60 32.57 38.81
N HIS B 223 16.45 33.55 38.46
CA HIS B 223 17.79 33.21 37.98
C HIS B 223 18.65 32.53 39.04
N LYS B 224 18.54 32.92 40.30
CA LYS B 224 19.40 32.31 41.30
C LYS B 224 18.94 30.91 41.68
N GLU B 225 17.68 30.58 41.40
CA GLU B 225 17.12 29.25 41.67
C GLU B 225 17.60 28.19 40.68
N VAL B 226 18.36 28.57 39.67
CA VAL B 226 18.60 27.73 38.50
C VAL B 226 19.85 26.89 38.71
N LEU B 227 19.71 25.57 38.69
CA LEU B 227 20.86 24.67 38.90
C LEU B 227 21.33 23.97 37.62
N ARG B 228 20.56 24.04 36.55
CA ARG B 228 20.96 23.46 35.29
C ARG B 228 20.19 24.20 34.20
N VAL B 229 20.82 24.32 33.04
CA VAL B 229 20.20 24.98 31.90
C VAL B 229 20.30 24.03 30.73
N GLY B 230 19.43 24.23 29.75
CA GLY B 230 19.53 23.41 28.55
C GLY B 230 18.27 23.44 27.72
N ALA B 231 18.20 22.45 26.84
CA ALA B 231 17.15 22.22 25.87
C ALA B 231 17.38 20.81 25.35
N VAL B 232 16.45 20.30 24.54
CA VAL B 232 16.64 18.97 23.98
C VAL B 232 17.89 18.94 23.10
N PHE B 233 18.01 19.90 22.18
CA PHE B 233 19.20 19.97 21.33
C PHE B 233 20.00 21.23 21.59
N ALA B 234 21.31 21.11 21.38
CA ALA B 234 22.21 22.24 21.54
C ALA B 234 21.78 23.45 20.69
N SER B 235 21.31 23.22 19.45
CA SER B 235 20.89 24.34 18.62
C SER B 235 19.70 25.06 19.26
N GLY B 236 18.75 24.29 19.80
CA GLY B 236 17.63 24.90 20.52
C GLY B 236 18.08 25.81 21.65
N PHE B 237 19.08 25.38 22.42
CA PHE B 237 19.59 26.20 23.51
C PHE B 237 20.35 27.42 22.98
N ILE B 238 21.07 27.27 21.87
CA ILE B 238 21.83 28.39 21.32
C ILE B 238 20.89 29.49 20.86
N ARG B 239 19.82 29.11 20.14
CA ARG B 239 18.82 30.06 19.70
C ARG B 239 18.20 30.81 20.88
N ALA B 240 18.21 30.24 22.09
CA ALA B 240 17.65 30.98 23.23
C ALA B 240 18.63 32.04 23.71
N ILE B 241 19.92 31.71 23.76
CA ILE B 241 20.91 32.72 24.09
C ILE B 241 20.83 33.88 23.11
N LYS B 242 20.74 33.56 21.80
CA LYS B 242 20.60 34.64 20.82
C LYS B 242 19.32 35.41 21.05
N PHE B 243 18.24 34.73 21.47
CA PHE B 243 17.00 35.45 21.73
C PHE B 243 17.23 36.53 22.79
N LEU B 244 17.92 36.18 23.87
CA LEU B 244 18.28 37.17 24.88
C LEU B 244 19.12 38.30 24.28
N GLU B 245 20.11 37.94 23.45
CA GLU B 245 20.92 38.96 22.81
C GLU B 245 20.07 39.95 22.03
N LYS B 246 18.99 39.46 21.42
CA LYS B 246 18.16 40.35 20.62
C LYS B 246 17.15 41.12 21.48
N HIS B 247 16.60 40.49 22.52
CA HIS B 247 15.41 41.01 23.18
C HIS B 247 15.64 41.45 24.62
N TRP B 248 16.87 41.43 25.13
CA TRP B 248 17.08 41.70 26.55
C TRP B 248 16.63 43.08 27.02
N PRO B 249 16.64 44.14 26.21
CA PRO B 249 16.11 45.42 26.73
C PRO B 249 14.65 45.38 27.15
N GLU B 250 13.79 44.73 26.35
CA GLU B 250 12.40 44.55 26.77
C GLU B 250 12.30 43.63 27.98
N LEU B 251 13.01 42.50 27.93
CA LEU B 251 13.00 41.57 29.05
C LEU B 251 13.33 42.28 30.36
N ALA B 252 14.35 43.14 30.35
CA ALA B 252 14.71 43.85 31.57
C ALA B 252 13.67 44.91 31.93
N ARG B 253 13.02 45.51 30.93
CA ARG B 253 11.93 46.44 31.22
C ARG B 253 10.78 45.73 31.90
N ASP B 254 10.48 44.50 31.49
CA ASP B 254 9.43 43.74 32.16
C ASP B 254 9.82 43.37 33.58
N ILE B 255 11.08 43.00 33.78
CA ILE B 255 11.58 42.77 35.13
C ILE B 255 11.56 44.06 35.93
N ARG B 256 12.08 45.13 35.33
CA ARG B 256 12.09 46.44 35.99
C ARG B 256 10.71 46.83 36.47
N THR B 257 9.77 46.91 35.53
CA THR B 257 8.43 47.38 35.84
C THR B 257 7.58 46.33 36.52
N GLY B 258 7.86 45.04 36.28
CA GLY B 258 6.96 44.00 36.75
C GLY B 258 5.71 43.83 35.92
N THR B 259 5.71 44.28 34.66
CA THR B 259 4.59 44.14 33.75
C THR B 259 5.04 43.36 32.52
N LEU B 260 4.13 42.59 31.93
CA LEU B 260 4.47 41.71 30.82
C LEU B 260 4.09 42.39 29.50
N SER B 261 5.06 42.41 28.58
CA SER B 261 4.95 43.16 27.33
C SER B 261 3.62 42.92 26.60
N SER B 262 3.03 44.00 26.06
CA SER B 262 1.77 43.92 25.34
C SER B 262 1.82 42.96 24.15
N GLU B 263 3.01 42.54 23.73
CA GLU B 263 3.16 41.62 22.62
C GLU B 263 2.97 40.16 23.04
N ILE B 264 2.71 39.88 24.31
CA ILE B 264 2.37 38.53 24.76
C ILE B 264 0.85 38.56 24.98
N THR B 265 0.11 38.18 23.93
CA THR B 265 -1.33 38.32 23.92
C THR B 265 -2.08 37.05 24.31
N ASP B 266 -1.36 35.94 24.48
CA ASP B 266 -1.97 34.72 24.99
C ASP B 266 -2.38 34.92 26.45
N SER B 267 -3.69 34.79 26.73
CA SER B 267 -4.13 34.90 28.12
C SER B 267 -3.53 33.80 28.98
N SER B 268 -3.32 32.60 28.43
CA SER B 268 -2.76 31.51 29.21
C SER B 268 -1.34 31.82 29.65
N VAL B 269 -0.55 32.40 28.76
CA VAL B 269 0.82 32.79 29.11
C VAL B 269 0.80 33.92 30.13
N ARG B 270 0.12 35.02 29.80
CA ARG B 270 0.07 36.17 30.69
C ARG B 270 -0.27 35.76 32.13
N GLU B 271 -1.25 34.86 32.29
CA GLU B 271 -1.63 34.40 33.61
C GLU B 271 -0.49 33.64 34.27
N ALA B 272 0.12 32.72 33.52
CA ALA B 272 1.21 31.92 34.08
C ALA B 272 2.40 32.80 34.46
N VAL B 273 2.79 33.69 33.56
CA VAL B 273 3.89 34.61 33.85
C VAL B 273 3.55 35.47 35.07
N GLY B 274 2.27 35.84 35.21
CA GLY B 274 1.85 36.71 36.29
C GLY B 274 2.14 36.18 37.69
N GLU B 275 2.26 34.86 37.84
CA GLU B 275 2.61 34.27 39.13
C GLU B 275 4.12 34.31 39.41
N ILE B 276 4.92 34.82 38.48
CA ILE B 276 6.37 34.74 38.54
C ILE B 276 7.02 36.11 38.45
N LEU B 277 6.53 36.98 37.57
CA LEU B 277 7.14 38.29 37.34
C LEU B 277 6.81 39.25 38.46
N LYS B 278 7.82 39.66 39.22
CA LYS B 278 7.74 40.70 40.23
C LYS B 278 8.42 41.96 39.72
N PRO B 279 8.06 43.14 40.22
CA PRO B 279 8.90 44.33 39.96
C PRO B 279 10.22 44.20 40.69
N ASP B 280 11.32 44.20 39.93
CA ASP B 280 12.66 43.98 40.48
C ASP B 280 13.67 44.85 39.77
N PRO B 281 13.76 46.12 40.13
CA PRO B 281 14.78 47.00 39.52
C PRO B 281 16.20 46.47 39.66
N LYS B 282 16.59 45.97 40.83
CA LYS B 282 17.97 45.50 41.01
C LYS B 282 18.27 44.35 40.06
N LEU B 283 17.29 43.47 39.84
CA LEU B 283 17.52 42.37 38.90
C LEU B 283 17.60 42.91 37.48
N ALA B 284 16.72 43.86 37.14
CA ALA B 284 16.74 44.46 35.81
C ALA B 284 18.08 45.14 35.55
N ASP B 285 18.68 45.76 36.58
CA ASP B 285 19.97 46.41 36.40
C ASP B 285 21.07 45.39 36.15
N PHE B 286 21.03 44.26 36.87
CA PHE B 286 22.02 43.22 36.68
C PHE B 286 21.99 42.66 35.25
N VAL B 287 20.80 42.36 34.73
CA VAL B 287 20.68 41.80 33.39
C VAL B 287 21.13 42.81 32.34
N GLU B 288 20.80 44.09 32.52
CA GLU B 288 21.30 45.11 31.63
C GLU B 288 22.82 45.18 31.68
N SER B 289 23.39 45.17 32.88
CA SER B 289 24.84 45.26 33.04
C SER B 289 25.56 44.13 32.31
N GLU B 290 25.07 42.89 32.45
CA GLU B 290 25.75 41.74 31.85
C GLU B 290 25.56 41.72 30.35
N CYS B 291 24.32 41.94 29.90
CA CYS B 291 24.02 41.90 28.47
C CYS B 291 24.54 43.12 27.72
N ARG B 292 24.91 44.18 28.45
CA ARG B 292 25.56 45.34 27.84
C ARG B 292 27.04 45.10 27.58
N LYS B 293 27.65 44.16 28.29
CA LYS B 293 29.05 43.87 28.06
C LYS B 293 29.24 43.39 26.62
N THR B 294 30.20 44.00 25.91
CA THR B 294 30.46 43.60 24.54
C THR B 294 30.74 42.11 24.44
N SER B 295 31.34 41.53 25.48
CA SER B 295 31.73 40.12 25.47
C SER B 295 30.73 39.29 26.26
N TRP B 296 30.18 38.28 25.60
CA TRP B 296 29.22 37.38 26.23
C TRP B 296 29.84 36.08 26.65
N GLN B 297 31.16 35.98 26.62
CA GLN B 297 31.85 34.81 27.16
C GLN B 297 31.47 34.58 28.62
N GLY B 298 30.98 33.38 28.93
CA GLY B 298 30.63 33.03 30.28
C GLY B 298 29.39 33.69 30.83
N ILE B 299 28.58 34.35 30.00
CA ILE B 299 27.39 35.04 30.47
C ILE B 299 26.46 34.11 31.23
N ILE B 300 26.41 32.83 30.83
CA ILE B 300 25.51 31.87 31.48
C ILE B 300 25.81 31.76 32.96
N THR B 301 27.11 31.70 33.31
CA THR B 301 27.52 31.57 34.71
C THR B 301 27.35 32.87 35.48
N ARG B 302 27.25 34.01 34.80
CA ARG B 302 26.98 35.24 35.53
C ARG B 302 25.49 35.47 35.71
N LEU B 303 24.68 35.24 34.67
CA LEU B 303 23.23 35.40 34.81
C LEU B 303 22.63 34.27 35.61
N TRP B 304 23.17 33.05 35.50
CA TRP B 304 22.73 31.93 36.31
C TRP B 304 23.93 31.36 37.06
N PRO B 305 24.33 32.00 38.16
CA PRO B 305 25.60 31.63 38.83
C PRO B 305 25.63 30.21 39.41
N ASN B 306 24.49 29.63 39.76
CA ASN B 306 24.45 28.33 40.44
C ASN B 306 24.23 27.17 39.47
N THR B 307 24.29 27.44 38.17
CA THR B 307 24.24 26.43 37.12
C THR B 307 25.39 25.44 37.29
N LYS B 308 25.06 24.15 37.40
CA LYS B 308 26.10 23.13 37.50
C LYS B 308 26.55 22.57 36.15
N TYR B 309 25.65 22.47 35.17
CA TYR B 309 25.99 21.89 33.87
C TYR B 309 24.96 22.37 32.86
N VAL B 310 25.29 22.17 31.58
CA VAL B 310 24.39 22.50 30.46
C VAL B 310 23.90 21.20 29.83
N ASP B 311 22.59 21.00 29.84
CA ASP B 311 21.95 19.74 29.46
C ASP B 311 21.41 19.88 28.03
N VAL B 312 22.20 19.41 27.05
CA VAL B 312 21.82 19.39 25.63
C VAL B 312 22.50 18.21 24.96
N ILE B 313 21.83 17.64 23.97
CA ILE B 313 22.48 16.67 23.11
C ILE B 313 23.55 17.37 22.28
N VAL B 314 24.79 16.92 22.40
CA VAL B 314 25.92 17.42 21.61
C VAL B 314 26.68 16.23 21.04
N THR B 315 26.00 15.10 20.93
CA THR B 315 26.45 13.98 20.11
C THR B 315 25.80 14.05 18.73
N GLY B 316 26.31 13.23 17.81
CA GLY B 316 25.85 13.37 16.44
C GLY B 316 26.19 14.74 15.88
N THR B 317 25.34 15.21 14.96
CA THR B 317 25.61 16.46 14.26
C THR B 317 25.58 17.65 15.20
N MET B 318 24.89 17.53 16.33
CA MET B 318 24.85 18.59 17.35
C MET B 318 26.23 18.90 17.92
N SER B 319 27.21 18.03 17.71
CA SER B 319 28.55 18.32 18.23
C SER B 319 29.19 19.54 17.58
N GLN B 320 28.66 20.01 16.45
CA GLN B 320 29.25 21.22 15.85
C GLN B 320 29.03 22.43 16.74
N TYR B 321 28.09 22.37 17.67
CA TYR B 321 27.77 23.47 18.57
C TYR B 321 28.60 23.50 19.85
N ILE B 322 29.50 22.53 20.05
CA ILE B 322 30.23 22.44 21.32
C ILE B 322 31.05 23.69 21.59
N PRO B 323 31.87 24.20 20.67
CA PRO B 323 32.63 25.44 20.97
C PRO B 323 31.75 26.64 21.28
N THR B 324 30.60 26.78 20.61
CA THR B 324 29.71 27.90 20.91
C THR B 324 29.21 27.80 22.34
N LEU B 325 28.92 26.58 22.80
CA LEU B 325 28.39 26.35 24.14
C LEU B 325 29.46 26.62 25.19
N ASP B 326 30.65 26.07 24.98
CA ASP B 326 31.74 26.33 25.91
C ASP B 326 31.98 27.83 26.06
N TYR B 327 31.95 28.55 24.95
CA TYR B 327 32.11 30.01 24.99
C TYR B 327 31.05 30.67 25.87
N TYR B 328 29.78 30.41 25.62
CA TYR B 328 28.75 31.07 26.42
C TYR B 328 28.76 30.63 27.86
N SER B 329 29.18 29.38 28.12
CA SER B 329 29.09 28.75 29.44
C SER B 329 30.39 28.82 30.22
N ASN B 330 31.46 29.34 29.63
CA ASN B 330 32.77 29.36 30.27
C ASN B 330 33.28 27.95 30.53
N GLY B 331 32.91 27.01 29.68
CA GLY B 331 33.39 25.65 29.82
C GLY B 331 32.72 24.83 30.88
N LEU B 332 31.44 25.08 31.17
CA LEU B 332 30.69 24.18 32.03
C LEU B 332 30.58 22.81 31.36
N PRO B 333 30.33 21.76 32.14
CA PRO B 333 30.17 20.42 31.53
C PRO B 333 28.92 20.34 30.66
N LEU B 334 29.07 19.72 29.49
CA LEU B 334 27.96 19.45 28.59
C LEU B 334 27.48 18.02 28.82
N VAL B 335 26.18 17.86 29.01
CA VAL B 335 25.60 16.59 29.45
C VAL B 335 24.62 16.11 28.38
N CYS B 336 24.89 14.93 27.83
CA CYS B 336 23.96 14.28 26.89
C CYS B 336 23.30 13.11 27.62
N THR B 337 22.01 13.27 27.93
CA THR B 337 21.34 12.35 28.86
C THR B 337 20.81 11.09 28.19
N MET B 338 20.01 11.22 27.15
CA MET B 338 19.38 10.07 26.52
C MET B 338 19.49 10.12 25.01
N TYR B 339 19.06 9.03 24.39
CA TYR B 339 19.13 8.82 22.95
C TYR B 339 17.80 8.18 22.53
N ALA B 340 16.98 8.92 21.79
CA ALA B 340 15.66 8.43 21.43
C ALA B 340 15.33 8.87 20.02
N SER B 341 14.18 8.41 19.57
CA SER B 341 13.65 8.72 18.24
C SER B 341 12.14 8.55 18.27
N SER B 342 11.50 9.10 17.23
CA SER B 342 10.05 9.03 17.11
C SER B 342 9.54 7.59 17.12
N GLU B 343 10.21 6.70 16.39
CA GLU B 343 9.73 5.32 16.37
C GLU B 343 9.96 4.64 17.69
N CYS B 344 10.97 5.08 18.45
CA CYS B 344 11.29 4.32 19.65
C CYS B 344 12.28 5.11 20.48
N TYR B 345 12.04 5.13 21.79
CA TYR B 345 13.07 5.56 22.73
C TYR B 345 14.04 4.41 22.95
N PHE B 346 15.34 4.72 22.99
CA PHE B 346 16.40 3.72 22.90
C PHE B 346 17.08 3.54 24.26
N GLY B 347 17.94 4.46 24.64
CA GLY B 347 18.72 4.29 25.85
C GLY B 347 19.14 5.57 26.53
N VAL B 348 20.09 5.44 27.45
CA VAL B 348 20.45 6.47 28.42
C VAL B 348 21.96 6.44 28.61
N ASN B 349 22.52 7.61 28.95
CA ASN B 349 23.95 7.77 29.20
C ASN B 349 24.22 7.52 30.69
N LEU B 350 24.89 6.43 31.00
CA LEU B 350 25.20 6.12 32.39
C LEU B 350 26.41 6.89 32.90
N ARG B 351 27.10 7.62 32.04
CA ARG B 351 28.18 8.53 32.45
C ARG B 351 27.88 9.97 32.04
N PRO B 352 26.82 10.59 32.59
CA PRO B 352 26.44 11.95 32.14
C PRO B 352 27.56 12.96 32.22
N LEU B 353 28.49 12.81 33.16
CA LEU B 353 29.58 13.76 33.30
C LEU B 353 30.79 13.44 32.46
N CYS B 354 30.69 12.52 31.50
CA CYS B 354 31.86 12.20 30.67
C CYS B 354 32.14 13.32 29.68
N LYS B 355 33.23 13.17 28.93
CA LYS B 355 33.49 14.11 27.84
C LYS B 355 32.53 13.81 26.71
N PRO B 356 31.99 14.85 26.04
CA PRO B 356 31.05 14.62 24.93
C PRO B 356 31.61 13.71 23.85
N SER B 357 32.93 13.73 23.67
CA SER B 357 33.65 12.87 22.74
C SER B 357 33.68 11.41 23.18
N GLU B 358 33.25 11.09 24.40
CA GLU B 358 33.28 9.72 24.89
C GLU B 358 31.90 9.21 25.29
N VAL B 359 30.82 9.91 24.91
CA VAL B 359 29.47 9.48 25.27
C VAL B 359 29.14 8.16 24.57
N SER B 360 28.54 7.24 25.33
CA SER B 360 27.97 6.01 24.81
C SER B 360 26.62 5.80 25.50
N TYR B 361 25.67 5.22 24.79
CA TYR B 361 24.30 5.10 25.28
C TYR B 361 23.99 3.63 25.53
N THR B 362 23.58 3.32 26.75
CA THR B 362 23.10 1.98 27.07
C THR B 362 21.65 1.85 26.66
N LEU B 363 21.35 0.93 25.75
CA LEU B 363 19.98 0.70 25.36
C LEU B 363 19.25 -0.09 26.44
N ILE B 364 18.07 0.39 26.84
CA ILE B 364 17.26 -0.25 27.88
C ILE B 364 16.42 -1.36 27.25
N PRO B 365 16.70 -2.62 27.58
CA PRO B 365 16.14 -3.73 26.79
C PRO B 365 14.61 -3.83 26.81
N ASN B 366 13.91 -3.07 27.67
CA ASN B 366 12.45 -3.15 27.71
C ASN B 366 11.77 -2.28 26.66
N MET B 367 12.51 -1.34 26.06
CA MET B 367 11.92 -0.41 25.12
C MET B 367 11.39 -1.11 23.88
N ALA B 368 12.11 -2.12 23.39
CA ALA B 368 11.73 -2.85 22.18
C ALA B 368 12.69 -4.03 22.03
N TYR B 369 12.50 -4.79 20.94
CA TYR B 369 13.42 -5.87 20.58
C TYR B 369 14.43 -5.33 19.56
N PHE B 370 15.69 -5.21 19.99
CA PHE B 370 16.76 -4.60 19.19
C PHE B 370 17.55 -5.64 18.43
N GLU B 371 17.73 -5.41 17.14
CA GLU B 371 18.63 -6.21 16.32
C GLU B 371 19.68 -5.31 15.67
N PHE B 372 20.82 -5.90 15.32
CA PHE B 372 21.96 -5.13 14.86
C PHE B 372 22.54 -5.73 13.59
N LEU B 373 22.76 -4.87 12.59
CA LEU B 373 23.33 -5.26 11.31
C LEU B 373 24.72 -4.68 11.18
N PRO B 374 25.75 -5.50 11.01
CA PRO B 374 27.11 -4.96 10.86
C PRO B 374 27.22 -4.11 9.61
N VAL B 375 28.02 -3.05 9.71
CA VAL B 375 28.24 -2.13 8.59
C VAL B 375 29.70 -1.68 8.61
N HIS B 376 30.19 -1.27 7.44
CA HIS B 376 31.54 -0.74 7.29
C HIS B 376 31.50 0.61 6.59
N ARG B 377 32.22 1.58 7.14
CA ARG B 377 32.44 2.89 6.52
C ARG B 377 33.90 3.01 6.10
N ASN B 378 34.15 3.79 5.03
CA ASN B 378 35.49 3.86 4.47
C ASN B 378 36.39 4.88 5.16
N SER B 379 35.88 5.63 6.13
CA SER B 379 36.68 6.49 7.00
C SER B 379 35.86 6.79 8.25
N GLY B 380 36.44 7.56 9.17
CA GLY B 380 35.79 7.86 10.42
C GLY B 380 35.03 9.18 10.39
N VAL B 381 34.74 9.63 9.17
CA VAL B 381 34.24 10.98 8.91
C VAL B 381 32.96 10.89 8.09
N THR B 382 32.92 9.96 7.12
CA THR B 382 31.77 9.82 6.25
C THR B 382 30.57 9.29 7.02
N SER B 383 29.38 9.45 6.43
CA SER B 383 28.15 8.85 6.94
C SER B 383 27.55 7.84 5.96
N SER B 384 28.38 7.28 5.07
CA SER B 384 27.96 6.35 4.03
C SER B 384 28.50 4.94 4.29
N ILE B 385 27.73 3.95 3.85
CA ILE B 385 28.05 2.54 4.05
C ILE B 385 28.35 1.87 2.71
N LYS B 394 19.73 -9.77 2.07
CA LYS B 394 19.98 -10.98 1.30
C LYS B 394 20.55 -12.13 2.14
N GLU B 395 19.67 -12.80 2.91
CA GLU B 395 20.03 -13.95 3.76
C GLU B 395 20.91 -13.50 4.92
N GLN B 396 21.33 -12.25 4.90
CA GLN B 396 21.92 -11.57 6.03
C GLN B 396 20.91 -11.14 7.02
N GLN B 397 19.66 -11.58 6.85
CA GLN B 397 18.58 -11.08 7.67
C GLN B 397 18.56 -11.76 9.03
N GLU B 398 19.26 -12.89 9.18
CA GLU B 398 19.66 -13.34 10.51
C GLU B 398 20.67 -12.34 11.10
N LEU B 399 20.26 -11.55 12.07
CA LEU B 399 20.99 -10.39 12.54
C LEU B 399 21.70 -10.70 13.84
N VAL B 400 22.39 -9.71 14.39
CA VAL B 400 22.99 -9.81 15.71
C VAL B 400 21.98 -9.31 16.73
N ASP B 401 21.79 -10.07 17.80
CA ASP B 401 20.96 -9.62 18.92
C ASP B 401 21.77 -8.73 19.84
N LEU B 402 21.04 -8.09 20.77
CA LEU B 402 21.61 -7.06 21.64
C LEU B 402 22.89 -7.53 22.32
N VAL B 403 22.88 -8.72 22.94
CA VAL B 403 23.93 -9.06 23.90
C VAL B 403 25.20 -9.65 23.27
N ASP B 404 25.12 -10.17 22.04
CA ASP B 404 26.30 -10.71 21.37
C ASP B 404 26.91 -9.72 20.41
N VAL B 405 26.45 -8.48 20.47
CA VAL B 405 27.10 -7.36 19.82
C VAL B 405 28.55 -7.28 20.28
N LYS B 406 29.49 -7.08 19.35
CA LYS B 406 30.92 -7.19 19.63
C LYS B 406 31.59 -5.84 19.82
N LEU B 407 32.46 -5.76 20.83
CA LEU B 407 33.09 -4.49 21.20
C LEU B 407 33.94 -3.92 20.08
N GLY B 408 33.76 -2.63 19.78
CA GLY B 408 34.49 -1.96 18.73
C GLY B 408 33.89 -2.09 17.34
N GLN B 409 32.79 -2.83 17.19
CA GLN B 409 32.18 -3.08 15.90
C GLN B 409 31.09 -2.06 15.61
N GLU B 410 30.91 -1.74 14.33
CA GLU B 410 29.88 -0.80 13.89
C GLU B 410 28.66 -1.57 13.37
N TYR B 411 27.48 -1.12 13.79
CA TYR B 411 26.21 -1.76 13.44
C TYR B 411 25.18 -0.72 13.07
N GLU B 412 24.21 -1.15 12.28
CA GLU B 412 23.00 -0.38 12.05
C GLU B 412 21.90 -0.90 12.95
N LEU B 413 21.16 0.02 13.57
CA LEU B 413 20.15 -0.31 14.56
C LEU B 413 18.85 -0.77 13.90
N VAL B 414 18.24 -1.84 14.44
CA VAL B 414 17.01 -2.44 13.89
C VAL B 414 16.02 -2.67 15.03
N VAL B 415 14.84 -2.07 14.93
CA VAL B 415 13.89 -2.06 16.04
C VAL B 415 12.62 -2.80 15.65
N THR B 416 12.08 -3.53 16.62
CA THR B 416 10.79 -4.20 16.57
C THR B 416 10.02 -3.69 17.77
N THR B 417 9.03 -2.84 17.54
CA THR B 417 8.39 -2.09 18.61
C THR B 417 7.06 -2.73 19.02
N TYR B 418 6.46 -2.14 20.04
CA TYR B 418 5.11 -2.54 20.44
C TYR B 418 4.04 -1.95 19.55
N ALA B 419 4.39 -1.04 18.63
CA ALA B 419 3.48 -0.58 17.58
C ALA B 419 3.55 -1.50 16.37
N GLY B 420 3.53 -0.91 15.19
CA GLY B 420 3.50 -1.71 14.00
C GLY B 420 4.82 -1.99 13.35
N LEU B 421 5.91 -1.51 13.91
CA LEU B 421 7.21 -1.72 13.29
C LEU B 421 7.77 -3.10 13.66
N TYR B 422 8.04 -3.92 12.64
CA TYR B 422 8.65 -5.24 12.80
C TYR B 422 9.96 -5.25 12.03
N ARG B 423 11.07 -5.32 12.77
CA ARG B 423 12.42 -5.41 12.19
C ARG B 423 12.70 -4.20 11.30
N TYR B 424 12.46 -3.01 11.86
CA TYR B 424 12.50 -1.77 11.11
C TYR B 424 13.86 -1.09 11.27
N ARG B 425 14.57 -0.90 10.16
CA ARG B 425 15.90 -0.29 10.19
C ARG B 425 15.80 1.21 10.51
N VAL B 426 16.30 1.59 11.69
CA VAL B 426 16.23 2.98 12.11
C VAL B 426 17.12 3.86 11.25
N GLY B 427 18.17 3.30 10.65
CA GLY B 427 19.12 4.08 9.90
C GLY B 427 20.29 4.64 10.69
N ASP B 428 20.28 4.52 12.03
CA ASP B 428 21.38 5.00 12.85
C ASP B 428 22.54 4.02 12.81
N VAL B 429 23.75 4.57 12.71
CA VAL B 429 24.97 3.78 12.82
C VAL B 429 25.52 3.94 14.23
N LEU B 430 25.92 2.81 14.84
CA LEU B 430 26.35 2.79 16.24
C LEU B 430 27.65 2.00 16.40
N SER B 431 28.38 2.34 17.45
CA SER B 431 29.65 1.69 17.77
C SER B 431 29.64 1.19 19.20
N VAL B 432 30.15 -0.02 19.39
CA VAL B 432 30.15 -0.69 20.69
C VAL B 432 31.33 -0.16 21.51
N ALA B 433 31.02 0.73 22.45
CA ALA B 433 32.04 1.32 23.31
C ALA B 433 32.35 0.46 24.54
N GLY B 434 31.44 -0.42 24.93
CA GLY B 434 31.61 -1.17 26.14
C GLY B 434 30.32 -1.86 26.53
N PHE B 435 30.30 -2.40 27.75
CA PHE B 435 29.11 -3.05 28.25
C PHE B 435 28.83 -2.59 29.67
N LYS B 436 27.54 -2.50 29.99
CA LYS B 436 27.05 -2.38 31.36
C LYS B 436 26.42 -3.73 31.70
N ASN B 437 27.16 -4.54 32.47
CA ASN B 437 26.85 -5.96 32.65
C ASN B 437 26.82 -6.62 31.28
N ASN B 438 25.67 -7.11 30.83
CA ASN B 438 25.56 -7.67 29.49
C ASN B 438 25.00 -6.70 28.47
N ALA B 439 24.54 -5.52 28.89
CA ALA B 439 23.93 -4.58 27.98
C ALA B 439 25.00 -3.78 27.26
N PRO B 440 25.03 -3.76 25.93
CA PRO B 440 26.03 -2.97 25.21
C PRO B 440 25.76 -1.48 25.35
N GLN B 441 26.85 -0.72 25.30
CA GLN B 441 26.76 0.73 25.32
C GLN B 441 27.31 1.24 24.01
N PHE B 442 26.60 2.15 23.35
CA PHE B 442 26.88 2.50 21.97
C PHE B 442 27.31 3.94 21.84
N SER B 443 28.46 4.15 21.21
CA SER B 443 28.77 5.47 20.70
C SER B 443 27.90 5.75 19.47
N PHE B 444 27.21 6.90 19.48
CA PHE B 444 26.44 7.31 18.31
C PHE B 444 27.39 7.86 17.25
N ILE B 445 27.28 7.33 16.04
CA ILE B 445 28.12 7.76 14.94
C ILE B 445 27.38 8.69 13.98
N CYS B 446 26.29 8.21 13.38
CA CYS B 446 25.57 9.05 12.43
C CYS B 446 24.24 8.40 12.07
N ARG B 447 23.28 9.23 11.66
CA ARG B 447 22.17 8.75 10.84
C ARG B 447 22.67 8.66 9.40
N LYS B 448 22.47 7.49 8.78
CA LYS B 448 23.04 7.19 7.48
C LYS B 448 22.73 8.25 6.44
N ASN B 449 23.72 8.64 5.65
CA ASN B 449 23.64 9.49 4.46
C ASN B 449 23.40 10.99 4.70
N VAL B 450 23.27 11.45 5.95
CA VAL B 450 23.11 12.89 6.19
C VAL B 450 24.45 13.58 6.05
N VAL B 451 24.47 14.74 5.39
CA VAL B 451 25.71 15.49 5.19
C VAL B 451 25.53 16.92 5.68
N LEU B 452 24.32 17.44 5.56
CA LEU B 452 23.99 18.79 6.00
C LEU B 452 22.89 18.73 7.06
N SER B 453 23.12 19.41 8.18
CA SER B 453 22.17 19.42 9.28
C SER B 453 22.49 20.63 10.14
N ILE B 454 21.52 21.48 10.40
CA ILE B 454 21.69 22.62 11.26
C ILE B 454 21.02 22.40 12.62
N ASP B 455 19.74 22.02 12.59
CA ASP B 455 18.96 21.63 13.76
C ASP B 455 18.47 20.21 13.51
N SER B 456 17.18 19.93 13.68
CA SER B 456 16.68 18.57 13.45
C SER B 456 16.64 18.19 11.98
N ASP B 457 16.81 19.16 11.09
CA ASP B 457 16.79 18.95 9.65
C ASP B 457 17.95 18.05 9.19
N LYS B 458 17.70 17.25 8.16
CA LYS B 458 18.66 16.28 7.65
C LYS B 458 18.59 16.23 6.13
N THR B 459 19.68 16.63 5.48
CA THR B 459 19.80 16.65 4.03
C THR B 459 20.88 15.67 3.58
N ASP B 460 20.53 14.82 2.62
CA ASP B 460 21.48 13.86 2.06
C ASP B 460 21.97 14.34 0.68
N GLU B 461 23.04 13.69 0.20
CA GLU B 461 23.63 14.09 -1.08
C GLU B 461 22.59 14.05 -2.21
N VAL B 462 21.74 13.03 -2.23
CA VAL B 462 20.72 12.92 -3.27
C VAL B 462 19.82 14.16 -3.27
N GLU B 463 19.36 14.57 -2.09
CA GLU B 463 18.52 15.76 -2.03
C GLU B 463 19.29 16.97 -2.53
N LEU B 464 20.49 17.18 -2.00
CA LEU B 464 21.29 18.33 -2.40
C LEU B 464 21.56 18.31 -3.89
N GLN B 465 21.91 17.14 -4.43
CA GLN B 465 22.14 17.02 -5.85
C GLN B 465 20.94 17.51 -6.65
N ASN B 466 19.75 16.92 -6.40
CA ASN B 466 18.59 17.32 -7.20
C ASN B 466 18.20 18.76 -6.92
N ALA B 467 18.35 19.25 -5.69
CA ALA B 467 18.12 20.67 -5.43
C ALA B 467 19.03 21.52 -6.31
N VAL B 468 20.31 21.17 -6.37
CA VAL B 468 21.24 21.88 -7.24
C VAL B 468 20.84 21.70 -8.70
N LYS B 469 20.40 20.49 -9.06
CA LYS B 469 19.95 20.26 -10.44
C LYS B 469 18.81 21.21 -10.83
N ASN B 470 17.87 21.44 -9.91
CA ASN B 470 16.81 22.41 -10.20
C ASN B 470 17.35 23.83 -10.21
N ALA B 471 18.34 24.13 -9.36
CA ALA B 471 18.78 25.52 -9.23
C ALA B 471 19.43 26.01 -10.51
N VAL B 472 20.32 25.22 -11.10
CA VAL B 472 21.08 25.69 -12.25
C VAL B 472 20.22 25.94 -13.49
N THR B 473 18.96 25.50 -13.50
CA THR B 473 18.08 25.92 -14.59
C THR B 473 18.09 27.43 -14.78
N HIS B 474 18.28 28.20 -13.71
CA HIS B 474 18.26 29.65 -13.80
C HIS B 474 19.47 30.25 -14.51
N LEU B 475 20.50 29.46 -14.82
CA LEU B 475 21.68 29.93 -15.52
C LEU B 475 21.63 29.68 -17.02
N VAL B 476 20.77 28.76 -17.45
CA VAL B 476 20.55 28.45 -18.86
C VAL B 476 20.24 29.70 -19.67
N PRO B 477 19.41 30.64 -19.19
CA PRO B 477 19.14 31.83 -20.02
C PRO B 477 20.36 32.71 -20.22
N PHE B 478 21.43 32.51 -19.45
CA PHE B 478 22.66 33.28 -19.55
C PHE B 478 23.78 32.47 -20.18
N ASP B 479 23.43 31.34 -20.79
CA ASP B 479 24.38 30.43 -21.43
C ASP B 479 25.52 30.11 -20.45
N ALA B 480 25.12 29.75 -19.24
CA ALA B 480 26.04 29.48 -18.14
C ALA B 480 25.67 28.15 -17.50
N SER B 481 26.68 27.39 -17.07
CA SER B 481 26.45 26.15 -16.35
C SER B 481 27.43 26.03 -15.19
N LEU B 482 27.11 25.10 -14.30
CA LEU B 482 27.81 24.92 -13.03
C LEU B 482 28.91 23.88 -13.21
N SER B 483 30.15 24.27 -12.92
CA SER B 483 31.26 23.35 -13.11
C SER B 483 31.35 22.35 -11.96
N GLU B 484 31.49 22.83 -10.73
CA GLU B 484 31.52 21.97 -9.56
C GLU B 484 30.89 22.72 -8.40
N TYR B 485 30.52 21.96 -7.37
CA TYR B 485 30.07 22.57 -6.12
C TYR B 485 30.47 21.68 -4.95
N THR B 486 30.30 22.25 -3.76
CA THR B 486 30.40 21.51 -2.52
C THR B 486 29.64 22.33 -1.48
N SER B 487 29.53 21.80 -0.27
CA SER B 487 28.72 22.46 0.73
C SER B 487 29.35 22.26 2.10
N TYR B 488 28.82 23.02 3.06
CA TYR B 488 29.14 22.87 4.47
C TYR B 488 28.06 23.55 5.28
N ALA B 489 27.96 23.13 6.54
CA ALA B 489 27.05 23.70 7.52
C ALA B 489 27.75 24.85 8.21
N ASP B 490 27.21 26.05 8.10
CA ASP B 490 27.84 27.24 8.68
C ASP B 490 27.13 27.55 10.02
N THR B 491 27.86 27.43 11.12
CA THR B 491 27.29 27.81 12.41
C THR B 491 27.99 29.01 13.03
N SER B 492 28.78 29.75 12.24
CA SER B 492 29.41 30.97 12.76
C SER B 492 28.39 31.94 13.34
N SER B 493 27.18 31.99 12.77
CA SER B 493 26.07 32.79 13.32
C SER B 493 24.90 31.89 13.77
N ILE B 494 23.88 32.50 14.36
CA ILE B 494 22.72 31.80 14.91
C ILE B 494 21.42 32.37 14.33
N PRO B 495 20.55 31.54 13.71
CA PRO B 495 20.81 30.11 13.55
C PRO B 495 21.74 29.87 12.38
N GLY B 496 22.32 28.69 12.31
CA GLY B 496 23.20 28.37 11.22
C GLY B 496 22.45 28.26 9.90
N HIS B 497 23.21 28.08 8.82
CA HIS B 497 22.60 27.93 7.52
C HIS B 497 23.49 27.06 6.66
N TYR B 498 22.93 26.57 5.55
CA TYR B 498 23.70 25.83 4.55
C TYR B 498 24.44 26.79 3.63
N VAL B 499 25.65 26.42 3.24
CA VAL B 499 26.43 27.16 2.25
C VAL B 499 26.78 26.23 1.09
N LEU B 500 26.49 26.65 -0.14
CA LEU B 500 27.03 25.99 -1.31
C LEU B 500 28.18 26.82 -1.88
N PHE B 501 29.31 26.17 -2.19
CA PHE B 501 30.33 26.76 -3.04
C PHE B 501 30.03 26.40 -4.48
N TRP B 502 29.96 27.39 -5.35
CA TRP B 502 29.76 27.19 -6.78
C TRP B 502 30.91 27.77 -7.58
N GLU B 503 31.29 27.06 -8.64
CA GLU B 503 32.22 27.54 -9.65
C GLU B 503 31.57 27.34 -11.01
N LEU B 504 31.49 28.41 -11.80
CA LEU B 504 30.87 28.38 -13.12
C LEU B 504 31.84 27.87 -14.17
N CYS B 505 31.29 27.53 -15.33
CA CYS B 505 32.13 27.15 -16.46
C CYS B 505 32.71 28.39 -17.13
N LEU B 506 33.94 28.24 -17.62
CA LEU B 506 34.60 29.28 -18.41
C LEU B 506 34.02 29.24 -19.82
N ASN B 507 32.78 29.71 -19.91
CA ASN B 507 31.96 29.60 -21.11
C ASN B 507 30.83 30.61 -20.98
N GLY B 508 30.28 30.98 -22.11
CA GLY B 508 29.17 31.92 -22.14
C GLY B 508 29.66 33.36 -22.11
N ASN B 509 28.76 34.25 -22.49
CA ASN B 509 29.05 35.67 -22.54
C ASN B 509 28.42 36.41 -21.37
N THR B 510 27.09 36.46 -21.31
CA THR B 510 26.39 37.36 -20.40
C THR B 510 26.80 37.14 -18.96
N PRO B 511 27.31 38.17 -18.26
CA PRO B 511 27.44 38.08 -16.82
C PRO B 511 26.09 37.89 -16.17
N ILE B 512 26.09 37.24 -15.02
CA ILE B 512 24.85 36.84 -14.36
C ILE B 512 24.59 37.80 -13.21
N PRO B 513 23.53 38.57 -13.24
CA PRO B 513 23.27 39.54 -12.18
C PRO B 513 23.00 38.86 -10.85
N PRO B 514 23.06 39.60 -9.74
CA PRO B 514 22.85 38.96 -8.43
C PRO B 514 21.43 38.46 -8.22
N SER B 515 20.45 38.97 -8.97
CA SER B 515 19.08 38.49 -8.84
C SER B 515 18.97 37.02 -9.23
N VAL B 516 19.84 36.52 -10.11
CA VAL B 516 19.76 35.13 -10.54
C VAL B 516 20.28 34.21 -9.44
N PHE B 517 21.44 34.52 -8.87
CA PHE B 517 21.96 33.65 -7.82
C PHE B 517 21.03 33.65 -6.62
N GLU B 518 20.41 34.80 -6.35
CA GLU B 518 19.42 34.86 -5.28
C GLU B 518 18.25 33.93 -5.58
N ASP B 519 17.88 33.78 -6.86
CA ASP B 519 16.81 32.84 -7.23
C ASP B 519 17.27 31.40 -7.07
N CYS B 520 18.51 31.11 -7.46
CA CYS B 520 19.09 29.79 -7.25
C CYS B 520 19.01 29.40 -5.79
N CYS B 521 19.41 30.32 -4.90
CA CYS B 521 19.35 30.10 -3.47
C CYS B 521 17.96 29.64 -3.05
N LEU B 522 16.93 30.34 -3.52
CA LEU B 522 15.55 30.00 -3.17
C LEU B 522 15.13 28.68 -3.78
N THR B 523 15.42 28.48 -5.06
CA THR B 523 15.04 27.22 -5.69
C THR B 523 15.63 26.02 -4.94
N ILE B 524 16.90 26.13 -4.49
CA ILE B 524 17.51 25.06 -3.70
C ILE B 524 16.69 24.80 -2.44
N GLU B 525 16.34 25.87 -1.73
CA GLU B 525 15.53 25.74 -0.53
C GLU B 525 14.17 25.11 -0.83
N GLU B 526 13.51 25.53 -1.91
CA GLU B 526 12.21 24.94 -2.23
C GLU B 526 12.31 23.44 -2.47
N SER B 527 13.47 22.98 -2.96
CA SER B 527 13.66 21.56 -3.26
C SER B 527 14.04 20.73 -2.03
N LEU B 528 14.56 21.34 -0.97
CA LEU B 528 14.91 20.60 0.23
C LEU B 528 13.65 20.12 0.94
N ASN B 529 13.79 19.03 1.71
CA ASN B 529 12.64 18.37 2.32
C ASN B 529 11.89 19.30 3.27
N SER B 530 10.72 18.84 3.72
CA SER B 530 9.84 19.69 4.52
C SER B 530 10.37 19.96 5.93
N VAL B 531 11.23 19.11 6.50
CA VAL B 531 11.82 19.47 7.78
C VAL B 531 12.74 20.68 7.61
N TYR B 532 13.58 20.69 6.57
CA TYR B 532 14.37 21.88 6.26
C TYR B 532 13.49 23.10 6.11
N ARG B 533 12.47 23.01 5.25
CA ARG B 533 11.63 24.16 4.94
C ARG B 533 10.81 24.60 6.14
N GLN B 534 10.34 23.64 6.95
CA GLN B 534 9.68 24.01 8.21
C GLN B 534 10.65 24.74 9.12
N GLY B 535 11.91 24.30 9.18
CA GLY B 535 12.87 24.95 10.04
C GLY B 535 13.06 26.40 9.67
N ARG B 536 13.02 26.70 8.37
CA ARG B 536 13.10 28.06 7.87
C ARG B 536 11.81 28.84 8.12
N VAL B 537 10.64 28.21 7.93
CA VAL B 537 9.39 28.95 8.00
C VAL B 537 8.89 29.05 9.44
N SER B 538 8.80 27.92 10.14
CA SER B 538 8.06 27.85 11.40
C SER B 538 8.94 27.97 12.63
N ASP B 539 9.94 27.10 12.77
CA ASP B 539 10.74 27.07 13.99
C ASP B 539 11.82 28.16 14.00
N LYS B 540 12.14 28.76 12.85
CA LYS B 540 13.23 29.73 12.73
C LYS B 540 14.53 29.16 13.32
N SER B 541 14.82 27.92 12.94
CA SER B 541 16.00 27.18 13.37
C SER B 541 17.08 27.12 12.30
N ILE B 542 16.83 27.64 11.10
CA ILE B 542 17.76 27.57 9.98
C ILE B 542 17.78 28.93 9.29
N GLY B 543 18.96 29.45 9.02
CA GLY B 543 19.07 30.71 8.33
C GLY B 543 18.95 30.52 6.84
N PRO B 544 18.75 31.65 6.14
CA PRO B 544 18.70 31.61 4.67
C PRO B 544 19.95 30.97 4.08
N LEU B 545 19.74 29.99 3.21
CA LEU B 545 20.85 29.34 2.52
C LEU B 545 21.69 30.37 1.75
N GLU B 546 22.98 30.07 1.66
CA GLU B 546 23.95 30.95 1.03
C GLU B 546 24.59 30.24 -0.14
N ILE B 547 24.77 30.97 -1.23
CA ILE B 547 25.60 30.51 -2.34
C ILE B 547 26.80 31.44 -2.43
N LYS B 548 27.99 30.84 -2.42
CA LYS B 548 29.25 31.56 -2.43
C LYS B 548 29.99 31.23 -3.71
N MET B 549 30.25 32.24 -4.53
CA MET B 549 30.93 32.04 -5.79
C MET B 549 32.43 32.03 -5.56
N VAL B 550 33.13 31.09 -6.18
CA VAL B 550 34.57 31.02 -6.01
C VAL B 550 35.25 31.32 -7.35
N GLU B 551 36.54 31.65 -7.25
CA GLU B 551 37.39 31.98 -8.39
C GLU B 551 37.42 30.82 -9.41
N SER B 552 37.83 31.14 -10.63
CA SER B 552 38.11 30.10 -11.59
C SER B 552 39.26 29.22 -11.11
N GLY B 553 39.08 27.92 -11.29
CA GLY B 553 40.12 26.99 -10.92
C GLY B 553 40.20 26.66 -9.45
N THR B 554 39.23 27.11 -8.64
CA THR B 554 39.26 26.79 -7.22
C THR B 554 39.17 25.29 -6.99
N PHE B 555 38.22 24.63 -7.63
CA PHE B 555 38.06 23.20 -7.42
C PHE B 555 39.21 22.41 -8.02
N ASP B 556 39.87 22.94 -9.05
CA ASP B 556 41.12 22.38 -9.53
C ASP B 556 42.19 22.46 -8.45
N LYS B 557 42.27 23.60 -7.76
CA LYS B 557 43.20 23.73 -6.65
C LYS B 557 42.95 22.65 -5.61
N LEU B 558 41.68 22.44 -5.27
CA LEU B 558 41.33 21.37 -4.33
C LEU B 558 41.87 20.05 -4.81
N MET B 559 41.63 19.72 -6.09
CA MET B 559 42.17 18.49 -6.65
C MET B 559 43.69 18.44 -6.55
N ASP B 560 44.37 19.58 -6.65
CA ASP B 560 45.82 19.58 -6.54
C ASP B 560 46.26 19.11 -5.17
N TYR B 561 45.50 19.47 -4.14
CA TYR B 561 45.76 18.90 -2.83
C TYR B 561 45.61 17.39 -2.87
N ALA B 562 44.47 16.91 -3.38
CA ALA B 562 44.18 15.48 -3.34
C ALA B 562 45.24 14.68 -4.10
N ILE B 563 45.71 15.22 -5.22
CA ILE B 563 46.70 14.51 -6.01
C ILE B 563 48.04 14.49 -5.29
N SER B 564 48.41 15.61 -4.68
CA SER B 564 49.67 15.68 -3.95
C SER B 564 49.72 14.65 -2.82
N LEU B 565 48.59 14.43 -2.14
CA LEU B 565 48.53 13.40 -1.11
C LEU B 565 48.32 12.00 -1.69
N GLY B 566 48.15 11.88 -3.00
CA GLY B 566 48.25 10.58 -3.64
C GLY B 566 47.07 10.06 -4.42
N ALA B 567 46.09 10.91 -4.72
CA ALA B 567 44.93 10.52 -5.52
C ALA B 567 45.25 10.47 -7.01
N SER B 568 44.57 9.57 -7.73
CA SER B 568 44.59 9.53 -9.19
C SER B 568 43.49 10.42 -9.75
N ILE B 569 43.74 11.00 -10.92
CA ILE B 569 42.77 11.96 -11.48
C ILE B 569 41.50 11.24 -11.87
N ASN B 570 41.62 10.00 -12.34
CA ASN B 570 40.43 9.27 -12.77
C ASN B 570 39.63 8.73 -11.58
N GLN B 571 40.23 8.62 -10.40
CA GLN B 571 39.51 8.24 -9.19
C GLN B 571 38.91 9.45 -8.47
N TYR B 572 39.49 10.62 -8.62
CA TYR B 572 39.13 11.73 -7.76
C TYR B 572 37.75 12.28 -8.12
N LYS B 573 36.97 12.58 -7.08
CA LYS B 573 35.62 13.13 -7.21
C LYS B 573 35.50 14.26 -6.20
N THR B 574 35.12 15.44 -6.64
CA THR B 574 34.93 16.53 -5.70
C THR B 574 33.82 16.20 -4.71
N PRO B 575 34.07 16.34 -3.41
CA PRO B 575 33.06 15.94 -2.41
C PRO B 575 31.92 16.96 -2.36
N ARG B 576 30.69 16.45 -2.33
CA ARG B 576 29.55 17.35 -2.37
C ARG B 576 29.33 18.04 -1.03
N CYS B 577 29.93 17.53 0.04
CA CYS B 577 29.89 18.19 1.33
C CYS B 577 31.26 18.12 1.98
N VAL B 578 31.64 19.17 2.71
CA VAL B 578 32.88 19.16 3.48
C VAL B 578 32.60 19.73 4.86
N LYS B 579 33.42 19.29 5.84
CA LYS B 579 33.39 19.84 7.18
C LYS B 579 34.78 19.99 7.78
N PHE B 580 35.83 19.62 7.08
CA PHE B 580 37.19 19.86 7.54
C PHE B 580 37.52 21.36 7.41
N ALA B 581 37.65 22.01 8.57
CA ALA B 581 37.85 23.46 8.61
C ALA B 581 38.93 24.01 7.68
N PRO B 582 40.12 23.41 7.55
CA PRO B 582 41.10 24.03 6.66
C PRO B 582 40.66 24.02 5.21
N ILE B 583 40.02 22.95 4.76
CA ILE B 583 39.49 22.91 3.41
C ILE B 583 38.40 23.98 3.23
N ILE B 584 37.56 24.16 4.25
CA ILE B 584 36.52 25.18 4.16
C ILE B 584 37.14 26.57 4.08
N GLU B 585 38.21 26.81 4.84
CA GLU B 585 38.86 28.12 4.81
C GLU B 585 39.55 28.35 3.48
N LEU B 586 40.11 27.29 2.90
CA LEU B 586 40.63 27.36 1.54
C LEU B 586 39.56 27.86 0.58
N LEU B 587 38.42 27.16 0.53
CA LEU B 587 37.34 27.56 -0.35
C LEU B 587 36.90 28.99 -0.03
N ASN B 588 36.65 29.27 1.25
CA ASN B 588 36.20 30.60 1.63
C ASN B 588 37.18 31.67 1.18
N SER B 589 38.47 31.32 1.14
CA SER B 589 39.50 32.27 0.74
C SER B 589 39.47 32.59 -0.75
N ARG B 590 38.83 31.75 -1.56
CA ARG B 590 38.70 32.02 -2.99
C ARG B 590 37.31 32.51 -3.36
N VAL B 591 36.51 32.94 -2.38
CA VAL B 591 35.17 33.45 -2.65
C VAL B 591 35.26 34.85 -3.24
N VAL B 592 34.50 35.08 -4.31
CA VAL B 592 34.46 36.38 -4.97
C VAL B 592 33.16 37.13 -4.72
N ASP B 593 32.04 36.41 -4.53
CA ASP B 593 30.81 37.06 -4.08
C ASP B 593 29.91 36.03 -3.39
N SER B 594 28.93 36.55 -2.66
CA SER B 594 28.11 35.73 -1.78
C SER B 594 26.64 36.15 -1.89
N TYR B 595 25.74 35.18 -2.04
CA TYR B 595 24.32 35.48 -2.16
C TYR B 595 23.50 34.63 -1.19
N PHE B 596 22.36 35.18 -0.78
CA PHE B 596 21.47 34.55 0.16
C PHE B 596 20.08 34.40 -0.42
N SER B 597 19.34 33.42 0.09
CA SER B 597 17.95 33.27 -0.30
C SER B 597 17.16 34.48 0.19
N PRO B 598 16.43 35.17 -0.69
CA PRO B 598 15.80 36.44 -0.30
C PRO B 598 14.46 36.31 0.41
N LYS B 599 14.01 35.09 0.69
CA LYS B 599 12.63 34.84 1.06
C LYS B 599 12.56 33.39 1.56
N CYS B 600 11.60 33.10 2.41
CA CYS B 600 11.49 31.72 2.88
C CYS B 600 10.99 30.81 1.76
N PRO B 601 11.37 29.53 1.78
CA PRO B 601 10.69 28.58 0.91
C PRO B 601 9.24 28.38 1.31
N LYS B 602 8.51 27.57 0.56
CA LYS B 602 7.13 27.29 0.95
C LYS B 602 7.09 26.21 2.02
N TRP B 603 6.10 26.30 2.90
CA TRP B 603 5.84 25.21 3.84
C TRP B 603 4.45 25.37 4.42
N SER B 604 3.80 24.23 4.65
CA SER B 604 2.50 24.14 5.30
C SER B 604 2.52 22.88 6.14
N PRO B 605 1.78 22.86 7.27
CA PRO B 605 1.80 21.68 8.13
C PRO B 605 1.19 20.46 7.45
N GLY B 606 1.90 19.34 7.54
CA GLY B 606 1.42 18.05 7.06
C GLY B 606 2.01 17.67 5.71
N HIS B 607 1.64 16.46 5.28
CA HIS B 607 2.00 15.99 3.95
C HIS B 607 1.26 16.80 2.91
N LYS B 608 1.98 17.20 1.85
CA LYS B 608 1.43 18.07 0.82
C LYS B 608 0.18 17.48 0.17
N GLN B 609 0.00 16.15 0.25
CA GLN B 609 -1.16 15.50 -0.34
C GLN B 609 -2.43 15.71 0.49
N TRP B 610 -2.31 15.88 1.80
CA TRP B 610 -3.48 16.12 2.64
C TRP B 610 -3.99 17.54 2.42
#